data_4O7U
#
_entry.id   4O7U
#
_cell.length_a   72.082
_cell.length_b   94.225
_cell.length_c   96.816
_cell.angle_alpha   90.00
_cell.angle_beta   94.33
_cell.angle_gamma   90.00
#
_symmetry.space_group_name_H-M   'P 1 21 1'
#
loop_
_entity.id
_entity.type
_entity.pdbx_description
1 polymer 'Thymidylate synthase'
2 non-polymer 'SULFATE ION'
3 non-polymer '5-HYDROXYMETHYLENE-6-HYDROFOLIC ACID'
4 non-polymer 1,2-ETHANEDIOL
5 non-polymer '4-{[(2S)-2-(1,3-dioxo-1,3-dihydro-2H-isoindol-2-yl)propyl]oxy}-3,5-dimethylphenyl acetate'
6 water water
#
_entity_poly.entity_id   1
_entity_poly.type   'polypeptide(L)'
_entity_poly.pdbx_seq_one_letter_code
;MEEAYLALGKKILEEGHFKEDRTGTGTYSLFGYQMRFDLAKGFPLLTTKRVPFGLIKSELLWFLKGDTNIRYLLERNNHI
WDEWAFERYVKSADYQGPDMTDFGHRVLQDPAFAEQYKEEHQKFCDAILNDAEFAEKYGELGNIYGAQWRHWETKDGSFI
DQLANVIEMIKTNPDSRRLIVSAWNPEDVPSMALPPCHTMFQFYVNEGKLSCQLYQRSADVFLGVPFNIASYALLTHLIA
HETGLEVGEFVHTLGDAHLYQNHVEQMQEQLSREVRSFPTLVLNPDKASVFDFDMEDIKVEGYDPHPTIKAPIAV
;
_entity_poly.pdbx_strand_id   A,B,C,D
#
loop_
_chem_comp.id
_chem_comp.type
_chem_comp.name
_chem_comp.formula
EDO non-polymer 1,2-ETHANEDIOL 'C2 H6 O2'
SO4 non-polymer 'SULFATE ION' 'O4 S -2'
SS7 non-polymer '4-{[(2S)-2-(1,3-dioxo-1,3-dihydro-2H-isoindol-2-yl)propyl]oxy}-3,5-dimethylphenyl acetate' 'C21 H21 N O5'
THF non-polymer '5-HYDROXYMETHYLENE-6-HYDROFOLIC ACID' 'C20 H23 N7 O7'
#
# COMPACT_ATOMS: atom_id res chain seq x y z
N MET A 1 -11.48 4.36 -13.54
CA MET A 1 -12.78 3.66 -13.68
C MET A 1 -13.72 4.53 -14.50
N GLU A 2 -14.37 3.96 -15.53
CA GLU A 2 -15.35 4.72 -16.35
C GLU A 2 -16.59 5.12 -15.54
N GLU A 3 -16.98 4.23 -14.64
CA GLU A 3 -18.06 4.45 -13.70
C GLU A 3 -17.85 5.69 -12.84
N ALA A 4 -16.59 6.07 -12.64
CA ALA A 4 -16.25 7.31 -11.94
C ALA A 4 -16.64 8.58 -12.74
N TYR A 5 -16.58 8.51 -14.06
CA TYR A 5 -17.07 9.58 -14.90
C TYR A 5 -18.59 9.62 -14.87
N LEU A 6 -19.20 8.43 -14.92
CA LEU A 6 -20.67 8.30 -14.92
C LEU A 6 -21.29 8.72 -13.59
N ALA A 7 -20.59 8.45 -12.49
CA ALA A 7 -21.01 8.93 -11.17
C ALA A 7 -21.04 10.48 -11.09
N LEU A 8 -20.03 11.12 -11.69
CA LEU A 8 -19.97 12.59 -11.73
C LEU A 8 -21.13 13.20 -12.52
N GLY A 9 -21.42 12.65 -13.71
CA GLY A 9 -22.55 13.10 -14.52
C GLY A 9 -23.86 12.91 -13.80
N LYS A 10 -23.99 11.77 -13.09
CA LYS A 10 -25.17 11.48 -12.27
C LYS A 10 -25.29 12.47 -11.11
N LYS A 11 -24.16 12.77 -10.46
CA LYS A 11 -24.16 13.72 -9.36
C LYS A 11 -24.47 15.16 -9.81
N ILE A 12 -24.08 15.51 -11.04
CA ILE A 12 -24.46 16.82 -11.58
C ILE A 12 -25.95 16.85 -11.79
N LEU A 13 -26.52 15.73 -12.25
CA LEU A 13 -27.96 15.65 -12.44
C LEU A 13 -28.72 15.67 -11.12
N GLU A 14 -28.22 14.96 -10.11
CA GLU A 14 -28.89 14.88 -8.81
C GLU A 14 -28.82 16.19 -8.03
N GLU A 15 -27.65 16.82 -8.01
CA GLU A 15 -27.41 17.93 -7.07
C GLU A 15 -26.65 19.15 -7.61
N GLY A 16 -26.48 19.23 -8.93
CA GLY A 16 -25.83 20.37 -9.55
C GLY A 16 -26.61 21.64 -9.31
N HIS A 17 -25.90 22.76 -9.22
CA HIS A 17 -26.50 24.07 -8.95
C HIS A 17 -26.78 24.77 -10.25
N PHE A 18 -28.04 25.13 -10.50
CA PHE A 18 -28.43 25.81 -11.75
C PHE A 18 -28.03 27.27 -11.79
N LYS A 19 -27.47 27.69 -12.93
CA LYS A 19 -27.05 29.08 -13.16
C LYS A 19 -27.39 29.49 -14.59
N GLU A 20 -27.91 30.71 -14.70
CA GLU A 20 -28.12 31.36 -16.00
C GLU A 20 -27.19 32.55 -16.13
N ASP A 21 -26.23 32.45 -17.03
CA ASP A 21 -25.31 33.56 -17.29
C ASP A 21 -26.03 34.76 -17.95
N ARG A 22 -25.30 35.87 -18.07
CA ARG A 22 -25.80 37.07 -18.75
C ARG A 22 -26.51 36.82 -20.08
N THR A 23 -26.17 35.72 -20.76
CA THR A 23 -26.57 35.50 -22.15
C THR A 23 -27.64 34.42 -22.36
N GLY A 24 -28.07 33.78 -21.26
CA GLY A 24 -29.16 32.81 -21.33
C GLY A 24 -28.74 31.36 -21.48
N THR A 25 -27.43 31.12 -21.42
CA THR A 25 -26.90 29.75 -21.33
C THR A 25 -27.15 29.25 -19.91
N GLY A 26 -27.60 28.01 -19.79
CA GLY A 26 -27.88 27.41 -18.49
C GLY A 26 -27.00 26.20 -18.24
N THR A 27 -26.47 26.11 -17.01
CA THR A 27 -25.65 24.98 -16.58
C THR A 27 -26.07 24.46 -15.20
N TYR A 28 -25.76 23.19 -14.95
CA TYR A 28 -25.79 22.64 -13.61
C TYR A 28 -24.35 22.30 -13.27
N SER A 29 -23.89 22.73 -12.10
CA SER A 29 -22.46 22.61 -11.78
C SER A 29 -22.17 22.15 -10.36
N LEU A 30 -20.96 21.63 -10.17
CA LEU A 30 -20.42 21.41 -8.84
C LEU A 30 -18.99 21.90 -8.84
N PHE A 31 -18.43 22.02 -7.64
CA PHE A 31 -17.11 22.58 -7.41
C PHE A 31 -16.29 21.65 -6.55
N GLY A 32 -15.23 21.09 -7.13
CA GLY A 32 -14.37 20.19 -6.38
C GLY A 32 -14.70 18.73 -6.66
N TYR A 33 -14.02 18.17 -7.63
CA TYR A 33 -14.24 16.79 -7.96
C TYR A 33 -12.93 16.13 -8.39
N GLN A 34 -12.80 14.85 -8.10
CA GLN A 34 -11.62 14.09 -8.50
C GLN A 34 -12.03 12.69 -8.94
N MET A 35 -11.41 12.23 -10.02
CA MET A 35 -11.58 10.87 -10.48
C MET A 35 -10.24 10.29 -10.95
N ARG A 36 -10.04 9.01 -10.68
CA ARG A 36 -8.78 8.32 -10.92
C ARG A 36 -8.93 7.38 -12.11
N PHE A 37 -7.87 7.19 -12.88
CA PHE A 37 -7.88 6.18 -13.94
C PHE A 37 -6.61 5.34 -13.85
N ASP A 38 -6.79 4.07 -13.51
CA ASP A 38 -5.65 3.16 -13.44
C ASP A 38 -5.36 2.66 -14.85
N LEU A 39 -4.24 3.13 -15.39
CA LEU A 39 -3.94 2.96 -16.81
C LEU A 39 -3.51 1.55 -17.19
N ALA A 40 -3.21 0.73 -16.19
CA ALA A 40 -2.94 -0.70 -16.40
C ALA A 40 -4.22 -1.50 -16.66
N LYS A 41 -5.36 -0.95 -16.25
CA LYS A 41 -6.67 -1.61 -16.42
C LYS A 41 -7.30 -1.39 -17.81
N GLY A 42 -6.69 -0.51 -18.60
CA GLY A 42 -7.20 -0.16 -19.93
C GLY A 42 -7.08 1.33 -20.23
N PHE A 43 -6.99 1.66 -21.52
CA PHE A 43 -6.91 3.04 -21.95
C PHE A 43 -8.30 3.68 -21.88
N PRO A 44 -8.42 4.79 -21.13
CA PRO A 44 -9.72 5.33 -20.76
C PRO A 44 -10.40 6.21 -21.84
N LEU A 45 -10.57 5.65 -23.04
CA LEU A 45 -11.56 6.16 -23.98
C LEU A 45 -12.92 5.56 -23.60
N LEU A 46 -13.93 6.42 -23.52
CA LEU A 46 -15.27 6.05 -23.08
C LEU A 46 -15.94 5.02 -24.00
N THR A 47 -16.44 3.95 -23.39
CA THR A 47 -17.18 2.93 -24.14
C THR A 47 -18.67 3.22 -24.15
N THR A 48 -19.15 4.03 -23.20
CA THR A 48 -20.59 4.37 -23.12
C THR A 48 -21.07 5.19 -24.32
N LYS A 49 -20.12 5.86 -24.97
CA LYS A 49 -20.34 6.57 -26.23
C LYS A 49 -19.05 6.59 -27.06
N ARG A 50 -19.19 6.68 -28.39
CA ARG A 50 -18.01 6.70 -29.25
C ARG A 50 -17.29 8.03 -29.12
N VAL A 51 -15.99 7.94 -28.88
CA VAL A 51 -15.14 9.12 -28.82
C VAL A 51 -14.05 8.93 -29.89
N PRO A 52 -14.05 9.78 -30.93
CA PRO A 52 -13.05 9.81 -32.03
C PRO A 52 -11.64 10.12 -31.57
N PHE A 53 -10.75 9.13 -31.73
CA PHE A 53 -9.42 9.24 -31.21
C PHE A 53 -8.50 10.10 -32.05
N GLY A 54 -8.76 10.13 -33.36
CA GLY A 54 -7.92 10.89 -34.29
C GLY A 54 -7.64 12.31 -33.84
N LEU A 55 -8.70 13.05 -33.49
CA LEU A 55 -8.61 14.47 -33.16
C LEU A 55 -7.91 14.76 -31.84
N ILE A 56 -8.03 13.83 -30.89
CA ILE A 56 -7.37 13.94 -29.61
C ILE A 56 -5.86 13.83 -29.78
N LYS A 57 -5.42 12.88 -30.61
CA LYS A 57 -4.01 12.59 -30.78
C LYS A 57 -3.27 13.57 -31.67
N SER A 58 -3.95 14.10 -32.68
CA SER A 58 -3.37 15.13 -33.52
C SER A 58 -3.27 16.42 -32.73
N GLU A 59 -4.20 16.64 -31.81
CA GLU A 59 -4.20 17.86 -31.00
C GLU A 59 -3.06 17.77 -29.99
N LEU A 60 -3.02 16.66 -29.24
CA LEU A 60 -1.94 16.42 -28.29
C LEU A 60 -0.58 16.48 -28.98
N LEU A 61 -0.46 15.80 -30.12
CA LEU A 61 0.77 15.76 -30.91
C LEU A 61 1.24 17.18 -31.27
N TRP A 62 0.28 18.01 -31.66
CA TRP A 62 0.50 19.41 -31.98
C TRP A 62 0.97 20.22 -30.76
N PHE A 63 0.38 19.97 -29.59
CA PHE A 63 0.85 20.62 -28.36
C PHE A 63 2.31 20.25 -28.04
N LEU A 64 2.62 18.97 -28.25
CA LEU A 64 3.88 18.38 -27.84
C LEU A 64 5.09 18.87 -28.60
N LYS A 65 4.89 19.27 -29.85
CA LYS A 65 6.02 19.78 -30.64
C LYS A 65 6.14 21.29 -30.58
N GLY A 66 5.33 21.90 -29.71
CA GLY A 66 5.35 23.34 -29.52
C GLY A 66 4.75 24.11 -30.67
N ASP A 67 4.11 23.43 -31.61
CA ASP A 67 3.52 24.11 -32.77
C ASP A 67 2.32 24.98 -32.41
N THR A 68 2.33 26.20 -32.91
CA THR A 68 1.19 27.07 -32.73
C THR A 68 0.54 27.44 -34.08
N ASN A 69 0.99 26.78 -35.15
CA ASN A 69 0.44 26.97 -36.49
C ASN A 69 -0.58 25.87 -36.87
N ILE A 70 -1.70 26.25 -37.50
CA ILE A 70 -2.73 25.24 -37.85
C ILE A 70 -2.40 24.33 -39.03
N ARG A 71 -1.45 24.72 -39.89
CA ARG A 71 -1.12 23.86 -41.05
C ARG A 71 -1.01 22.38 -40.70
N TYR A 72 -0.31 22.08 -39.60
CA TYR A 72 -0.12 20.73 -39.08
C TYR A 72 -1.47 20.03 -38.80
N LEU A 73 -2.42 20.77 -38.24
CA LEU A 73 -3.75 20.23 -37.96
C LEU A 73 -4.56 20.00 -39.23
N LEU A 74 -4.51 20.98 -40.13
CA LEU A 74 -5.19 20.86 -41.41
C LEU A 74 -4.71 19.63 -42.20
N GLU A 75 -3.39 19.41 -42.20
CA GLU A 75 -2.77 18.29 -42.89
C GLU A 75 -3.28 16.94 -42.40
N ARG A 76 -3.97 16.95 -41.26
CA ARG A 76 -4.42 15.73 -40.58
C ARG A 76 -5.91 15.77 -40.28
N ASN A 77 -6.63 16.56 -41.08
CA ASN A 77 -8.09 16.67 -41.01
C ASN A 77 -8.64 17.07 -39.65
N ASN A 78 -7.89 17.92 -38.94
CA ASN A 78 -8.34 18.44 -37.67
C ASN A 78 -8.74 19.91 -37.82
N HIS A 79 -10.04 20.17 -37.71
CA HIS A 79 -10.60 21.52 -37.89
C HIS A 79 -10.99 22.22 -36.59
N ILE A 80 -10.39 21.83 -35.47
CA ILE A 80 -10.77 22.39 -34.17
C ILE A 80 -10.55 23.91 -34.08
N TRP A 81 -9.32 24.34 -34.33
CA TRP A 81 -8.94 25.76 -34.14
C TRP A 81 -9.01 26.59 -35.42
N ASP A 82 -9.51 26.03 -36.51
CA ASP A 82 -9.46 26.73 -37.80
C ASP A 82 -10.62 27.72 -38.05
N GLU A 83 -11.47 27.94 -37.03
CA GLU A 83 -12.47 29.01 -37.04
C GLU A 83 -11.80 30.35 -36.76
N TRP A 84 -11.15 30.45 -35.61
CA TRP A 84 -10.45 31.65 -35.18
C TRP A 84 -9.50 32.19 -36.26
N ALA A 85 -8.73 31.29 -36.87
CA ALA A 85 -7.78 31.63 -37.93
C ALA A 85 -8.49 32.17 -39.19
N PHE A 86 -9.68 31.66 -39.48
CA PHE A 86 -10.46 32.14 -40.62
C PHE A 86 -11.08 33.50 -40.34
N GLU A 87 -11.68 33.64 -39.17
CA GLU A 87 -12.19 34.92 -38.70
C GLU A 87 -11.14 36.01 -38.87
N ARG A 88 -9.92 35.73 -38.40
CA ARG A 88 -8.76 36.64 -38.50
C ARG A 88 -8.41 37.04 -39.93
N TYR A 89 -8.84 36.22 -40.89
CA TYR A 89 -8.56 36.45 -42.30
C TYR A 89 -9.59 37.37 -42.96
N VAL A 90 -10.84 37.31 -42.49
CA VAL A 90 -11.94 38.04 -43.14
C VAL A 90 -12.14 39.48 -42.61
N LYS A 91 -11.54 39.78 -41.46
CA LYS A 91 -11.48 41.16 -40.97
C LYS A 91 -10.07 41.73 -41.15
N SER A 92 -9.26 41.05 -41.97
CA SER A 92 -7.91 41.49 -42.29
C SER A 92 -7.88 42.37 -43.53
N ALA A 93 -6.67 42.58 -44.05
CA ALA A 93 -6.46 43.38 -45.25
C ALA A 93 -6.74 42.58 -46.51
N ASP A 94 -5.91 41.57 -46.76
CA ASP A 94 -5.91 40.82 -48.01
C ASP A 94 -7.12 39.91 -48.18
N TYR A 95 -8.25 40.48 -48.61
CA TYR A 95 -9.47 39.72 -48.84
C TYR A 95 -10.42 40.38 -49.84
N GLN A 116 -24.92 32.61 -51.51
CA GLN A 116 -25.04 32.67 -50.05
C GLN A 116 -24.01 31.79 -49.34
N TYR A 117 -23.49 30.81 -50.08
CA TYR A 117 -22.51 29.86 -49.57
C TYR A 117 -21.13 30.48 -49.33
N LYS A 118 -20.39 29.93 -48.38
CA LYS A 118 -19.04 30.39 -48.06
C LYS A 118 -17.98 29.35 -48.43
N GLU A 119 -17.66 29.31 -49.72
CA GLU A 119 -16.61 28.45 -50.26
C GLU A 119 -15.27 29.18 -50.19
N GLU A 120 -15.28 30.34 -49.55
CA GLU A 120 -14.06 31.11 -49.32
C GLU A 120 -13.24 30.49 -48.19
N HIS A 121 -13.93 29.78 -47.29
CA HIS A 121 -13.31 28.96 -46.26
C HIS A 121 -12.38 27.92 -46.89
N GLN A 122 -12.89 27.27 -47.95
CA GLN A 122 -12.15 26.25 -48.69
C GLN A 122 -10.84 26.79 -49.27
N LYS A 123 -10.90 27.97 -49.88
CA LYS A 123 -9.72 28.60 -50.50
C LYS A 123 -8.69 29.03 -49.45
N PHE A 124 -9.18 29.32 -48.24
CA PHE A 124 -8.34 29.69 -47.10
C PHE A 124 -7.57 28.46 -46.58
N CYS A 125 -8.30 27.39 -46.27
CA CYS A 125 -7.71 26.12 -45.85
C CYS A 125 -6.65 25.64 -46.85
N ASP A 126 -6.95 25.80 -48.13
CA ASP A 126 -6.10 25.34 -49.21
C ASP A 126 -4.82 26.15 -49.34
N ALA A 127 -4.94 27.47 -49.22
CA ALA A 127 -3.78 28.35 -49.31
C ALA A 127 -2.81 28.10 -48.15
N ILE A 128 -3.36 27.97 -46.94
CA ILE A 128 -2.57 27.61 -45.77
C ILE A 128 -1.82 26.30 -46.01
N LEU A 129 -2.48 25.38 -46.71
CA LEU A 129 -1.90 24.07 -46.97
C LEU A 129 -0.90 24.07 -48.13
N ASN A 130 -1.05 25.02 -49.06
CA ASN A 130 -0.24 24.99 -50.28
C ASN A 130 0.63 26.22 -50.54
N ASP A 131 0.90 27.01 -49.51
CA ASP A 131 1.69 28.24 -49.67
C ASP A 131 2.80 28.38 -48.62
N ALA A 132 3.91 28.99 -49.04
CA ALA A 132 5.07 29.17 -48.15
C ALA A 132 4.78 30.15 -47.01
N GLU A 133 4.80 31.44 -47.31
CA GLU A 133 4.67 32.50 -46.29
C GLU A 133 3.24 32.84 -45.88
N PHE A 134 2.26 32.42 -46.68
CA PHE A 134 0.83 32.66 -46.37
C PHE A 134 0.43 31.96 -45.06
N ALA A 135 0.90 30.73 -44.88
CA ALA A 135 0.62 29.94 -43.68
C ALA A 135 1.24 30.51 -42.42
N GLU A 136 2.21 31.42 -42.59
CA GLU A 136 2.90 32.05 -41.47
C GLU A 136 2.15 33.24 -40.86
N LYS A 137 1.43 33.97 -41.70
CA LYS A 137 0.79 35.20 -41.28
C LYS A 137 -0.68 34.99 -40.94
N TYR A 138 -1.27 33.94 -41.51
CA TYR A 138 -2.69 33.68 -41.34
C TYR A 138 -3.00 32.37 -40.61
N GLY A 139 -1.96 31.56 -40.42
CA GLY A 139 -2.09 30.27 -39.76
C GLY A 139 -1.55 30.21 -38.33
N GLU A 140 -0.96 31.32 -37.88
CA GLU A 140 -0.33 31.38 -36.55
C GLU A 140 -1.35 31.76 -35.48
N LEU A 141 -1.31 31.07 -34.34
CA LEU A 141 -2.29 31.28 -33.29
C LEU A 141 -1.70 31.90 -32.02
N GLY A 142 -0.38 32.11 -32.02
CA GLY A 142 0.30 32.72 -30.88
C GLY A 142 0.32 31.90 -29.59
N ASN A 143 -0.50 32.31 -28.61
CA ASN A 143 -0.34 31.89 -27.22
C ASN A 143 -1.36 30.86 -26.68
N ILE A 144 -1.07 29.57 -26.89
CA ILE A 144 -1.85 28.47 -26.30
C ILE A 144 -0.90 27.38 -25.80
N TYR A 145 -1.47 26.23 -25.43
CA TYR A 145 -0.74 25.13 -24.76
C TYR A 145 0.64 24.84 -25.33
N GLY A 146 0.70 24.52 -26.63
CA GLY A 146 1.97 24.26 -27.30
C GLY A 146 3.01 25.29 -26.94
N ALA A 147 2.66 26.57 -27.03
CA ALA A 147 3.60 27.64 -26.70
C ALA A 147 3.80 27.81 -25.19
N GLN A 148 2.77 27.53 -24.40
CA GLN A 148 2.90 27.58 -22.94
C GLN A 148 3.68 26.37 -22.35
N TRP A 149 3.61 25.22 -23.02
CA TRP A 149 4.28 23.98 -22.59
C TRP A 149 5.76 23.96 -22.95
N ARG A 150 6.08 24.59 -24.08
CA ARG A 150 7.41 24.46 -24.67
C ARG A 150 8.21 25.77 -24.71
N HIS A 151 7.58 26.91 -24.40
CA HIS A 151 8.18 28.21 -24.75
C HIS A 151 7.65 29.36 -23.86
N TRP A 152 7.80 29.25 -22.53
CA TRP A 152 7.25 30.25 -21.58
C TRP A 152 8.16 31.48 -21.46
N GLU A 153 7.70 32.60 -22.02
CA GLU A 153 8.51 33.84 -22.13
C GLU A 153 8.92 34.42 -20.77
N THR A 154 10.19 34.75 -20.63
CA THR A 154 10.69 35.40 -19.42
C THR A 154 10.85 36.89 -19.66
N LYS A 155 11.08 37.64 -18.59
CA LYS A 155 11.27 39.09 -18.64
C LYS A 155 12.41 39.55 -19.57
N ASP A 156 13.54 38.85 -19.53
CA ASP A 156 14.72 39.24 -20.30
C ASP A 156 14.62 38.80 -21.77
N GLY A 157 13.47 38.24 -22.14
CA GLY A 157 13.22 37.85 -23.52
C GLY A 157 13.68 36.44 -23.88
N SER A 158 14.24 35.73 -22.89
CA SER A 158 14.56 34.31 -22.99
C SER A 158 13.27 33.49 -22.83
N PHE A 159 13.41 32.16 -22.87
CA PHE A 159 12.25 31.29 -22.94
C PHE A 159 12.51 30.06 -22.11
N ILE A 160 11.48 29.61 -21.39
CA ILE A 160 11.56 28.38 -20.57
C ILE A 160 10.78 27.24 -21.25
N ASP A 161 11.46 26.12 -21.49
CA ASP A 161 10.84 24.93 -22.05
C ASP A 161 10.47 23.94 -20.92
N GLN A 162 9.31 24.18 -20.29
CA GLN A 162 8.83 23.45 -19.10
C GLN A 162 8.67 21.95 -19.33
N LEU A 163 8.19 21.58 -20.51
CA LEU A 163 7.91 20.19 -20.82
C LEU A 163 9.18 19.39 -20.92
N ALA A 164 10.08 19.83 -21.81
CA ALA A 164 11.38 19.17 -21.97
C ALA A 164 12.08 19.09 -20.62
N ASN A 165 12.02 20.17 -19.84
CA ASN A 165 12.66 20.20 -18.51
C ASN A 165 12.11 19.17 -17.51
N VAL A 166 10.78 19.08 -17.45
CA VAL A 166 10.13 18.11 -16.59
C VAL A 166 10.47 16.70 -17.05
N ILE A 167 10.64 16.50 -18.36
CA ILE A 167 11.06 15.20 -18.89
C ILE A 167 12.45 14.79 -18.37
N GLU A 168 13.44 15.65 -18.59
CA GLU A 168 14.78 15.45 -18.09
C GLU A 168 14.77 15.15 -16.59
N MET A 169 13.94 15.87 -15.85
CA MET A 169 13.85 15.73 -14.41
C MET A 169 13.33 14.34 -14.03
N ILE A 170 12.33 13.85 -14.74
CA ILE A 170 11.83 12.51 -14.53
C ILE A 170 12.99 11.52 -14.69
N LYS A 171 13.78 11.67 -15.75
CA LYS A 171 14.89 10.74 -16.04
C LYS A 171 15.94 10.69 -14.94
N THR A 172 16.32 11.86 -14.43
CA THR A 172 17.46 12.01 -13.54
C THR A 172 17.07 12.23 -12.07
N ASN A 173 15.84 12.67 -11.81
CA ASN A 173 15.37 12.84 -10.43
C ASN A 173 13.91 12.42 -10.27
N PRO A 174 13.65 11.10 -10.33
CA PRO A 174 12.27 10.60 -10.30
C PRO A 174 11.43 11.00 -9.07
N ASP A 175 12.08 11.14 -7.92
CA ASP A 175 11.43 11.39 -6.63
C ASP A 175 10.99 12.84 -6.45
N SER A 176 11.41 13.71 -7.37
CA SER A 176 11.04 15.12 -7.36
C SER A 176 9.55 15.30 -7.19
N ARG A 177 9.19 16.21 -6.30
CA ARG A 177 7.80 16.65 -6.08
C ARG A 177 7.54 17.96 -6.83
N ARG A 178 8.41 18.25 -7.80
CA ARG A 178 8.34 19.49 -8.56
C ARG A 178 8.16 19.30 -10.08
N LEU A 179 7.70 18.12 -10.49
CA LEU A 179 7.47 17.82 -11.90
C LEU A 179 6.21 18.52 -12.44
N ILE A 180 6.31 19.84 -12.65
CA ILE A 180 5.13 20.71 -12.84
C ILE A 180 5.14 21.47 -14.17
N VAL A 181 4.02 21.46 -14.88
CA VAL A 181 3.85 22.31 -16.05
C VAL A 181 2.66 23.22 -15.79
N SER A 182 2.86 24.52 -15.98
CA SER A 182 1.78 25.48 -15.82
C SER A 182 1.37 26.05 -17.15
N ALA A 183 0.06 26.25 -17.33
CA ALA A 183 -0.45 26.91 -18.52
C ALA A 183 -1.03 28.27 -18.17
N TRP A 184 -0.99 28.60 -16.88
CA TRP A 184 -1.67 29.79 -16.37
C TRP A 184 -0.72 30.95 -16.10
N ASN A 185 -0.83 32.00 -16.90
CA ASN A 185 -0.03 33.21 -16.70
C ASN A 185 -0.96 34.40 -16.53
N PRO A 186 -1.02 34.96 -15.30
CA PRO A 186 -1.90 36.11 -14.98
C PRO A 186 -1.67 37.38 -15.83
N GLU A 187 -0.47 37.56 -16.37
CA GLU A 187 -0.21 38.63 -17.33
C GLU A 187 -0.99 38.49 -18.66
N ASP A 188 -1.13 37.25 -19.16
CA ASP A 188 -1.67 37.01 -20.51
C ASP A 188 -3.18 36.72 -20.56
N VAL A 189 -3.73 36.21 -19.46
CA VAL A 189 -5.11 35.71 -19.44
C VAL A 189 -6.21 36.75 -19.77
N PRO A 190 -6.17 37.95 -19.15
CA PRO A 190 -7.30 38.85 -19.42
C PRO A 190 -7.39 39.39 -20.86
N SER A 191 -6.36 39.17 -21.69
CA SER A 191 -6.37 39.68 -23.06
C SER A 191 -6.53 38.59 -24.11
N MET A 192 -6.37 37.34 -23.71
CA MET A 192 -6.53 36.22 -24.63
C MET A 192 -7.99 35.78 -24.71
N ALA A 193 -8.35 35.22 -25.86
CA ALA A 193 -9.73 34.86 -26.15
C ALA A 193 -10.16 33.64 -25.35
N LEU A 194 -9.32 32.60 -25.38
CA LEU A 194 -9.62 31.35 -24.68
C LEU A 194 -8.54 31.05 -23.62
N PRO A 195 -8.71 31.58 -22.39
CA PRO A 195 -7.75 31.25 -21.33
C PRO A 195 -7.76 29.73 -21.09
N PRO A 196 -6.59 29.14 -20.80
CA PRO A 196 -6.49 27.67 -20.71
C PRO A 196 -7.41 27.03 -19.68
N CYS A 197 -8.29 26.15 -20.14
CA CYS A 197 -9.10 25.31 -19.25
C CYS A 197 -8.22 24.33 -18.44
N HIS A 198 -7.14 23.88 -19.05
CA HIS A 198 -6.18 23.00 -18.40
C HIS A 198 -5.06 23.81 -17.75
N THR A 199 -5.23 24.07 -16.46
CA THR A 199 -4.49 25.07 -15.70
C THR A 199 -3.07 24.66 -15.28
N MET A 200 -2.91 23.42 -14.83
CA MET A 200 -1.58 22.83 -14.61
C MET A 200 -1.65 21.31 -14.47
N PHE A 201 -0.50 20.67 -14.63
CA PHE A 201 -0.40 19.25 -14.35
C PHE A 201 0.92 18.86 -13.69
N GLN A 202 0.85 17.80 -12.86
CA GLN A 202 1.99 17.31 -12.09
C GLN A 202 2.25 15.81 -12.36
N PHE A 203 3.49 15.49 -12.71
CA PHE A 203 3.93 14.10 -12.83
C PHE A 203 4.48 13.61 -11.51
N TYR A 204 4.48 12.29 -11.38
CA TYR A 204 4.87 11.59 -10.19
C TYR A 204 5.36 10.20 -10.61
N VAL A 205 6.47 9.78 -9.99
CA VAL A 205 7.07 8.46 -10.23
C VAL A 205 7.28 7.68 -8.93
N ASN A 206 6.73 6.48 -8.89
CA ASN A 206 7.07 5.53 -7.83
C ASN A 206 7.16 4.15 -8.44
N GLU A 207 8.16 3.37 -7.99
CA GLU A 207 8.32 1.96 -8.36
C GLU A 207 8.19 1.68 -9.86
N GLY A 208 8.97 2.43 -10.65
CA GLY A 208 9.05 2.28 -12.09
C GLY A 208 7.80 2.71 -12.85
N LYS A 209 6.95 3.49 -12.21
CA LYS A 209 5.68 3.86 -12.81
C LYS A 209 5.36 5.36 -12.81
N LEU A 210 4.85 5.84 -13.94
CA LEU A 210 4.55 7.26 -14.11
C LEU A 210 3.06 7.56 -14.02
N SER A 211 2.76 8.51 -13.13
CA SER A 211 1.41 9.03 -12.95
C SER A 211 1.36 10.53 -13.28
N CYS A 212 0.15 11.04 -13.55
CA CYS A 212 -0.09 12.46 -13.82
C CYS A 212 -1.43 12.94 -13.25
N GLN A 213 -1.37 13.99 -12.42
CA GLN A 213 -2.57 14.72 -12.00
C GLN A 213 -2.70 16.04 -12.72
N LEU A 214 -3.91 16.30 -13.21
CA LEU A 214 -4.23 17.50 -13.99
C LEU A 214 -5.28 18.32 -13.26
N TYR A 215 -4.99 19.60 -13.02
CA TYR A 215 -6.00 20.57 -12.57
C TYR A 215 -6.68 21.36 -13.71
N GLN A 216 -7.97 21.10 -13.89
CA GLN A 216 -8.83 21.73 -14.90
C GLN A 216 -9.86 22.67 -14.24
N ARG A 217 -9.67 23.98 -14.41
CA ARG A 217 -10.47 25.00 -13.72
C ARG A 217 -11.93 25.07 -14.20
N SER A 218 -12.18 24.51 -15.38
CA SER A 218 -13.47 24.62 -16.05
C SER A 218 -13.67 23.46 -17.03
N ALA A 219 -14.80 22.79 -16.92
CA ALA A 219 -14.99 21.52 -17.59
C ALA A 219 -16.38 21.37 -18.16
N ASP A 220 -16.46 21.22 -19.48
CA ASP A 220 -17.70 20.78 -20.14
C ASP A 220 -17.82 19.29 -19.91
N VAL A 221 -18.79 18.91 -19.05
CA VAL A 221 -18.87 17.54 -18.54
C VAL A 221 -19.39 16.52 -19.54
N PHE A 222 -20.29 16.91 -20.44
CA PHE A 222 -20.71 15.98 -21.49
C PHE A 222 -19.76 15.93 -22.70
N LEU A 223 -19.44 17.08 -23.28
CA LEU A 223 -18.64 17.12 -24.51
C LEU A 223 -17.15 17.26 -24.26
N GLY A 224 -16.75 18.04 -23.26
CA GLY A 224 -15.32 18.29 -23.03
C GLY A 224 -14.57 17.17 -22.31
N VAL A 225 -15.10 16.76 -21.17
CA VAL A 225 -14.40 15.88 -20.24
C VAL A 225 -13.95 14.55 -20.87
N PRO A 226 -14.82 13.91 -21.67
CA PRO A 226 -14.35 12.69 -22.34
C PRO A 226 -13.13 12.93 -23.26
N PHE A 227 -13.12 14.01 -24.05
CA PHE A 227 -11.90 14.41 -24.77
C PHE A 227 -10.69 14.55 -23.85
N ASN A 228 -10.85 15.36 -22.79
CA ASN A 228 -9.80 15.65 -21.82
C ASN A 228 -9.13 14.41 -21.17
N ILE A 229 -9.92 13.40 -20.79
CA ILE A 229 -9.40 12.18 -20.13
C ILE A 229 -8.48 11.34 -21.03
N ALA A 230 -8.86 11.22 -22.28
CA ALA A 230 -8.09 10.41 -23.21
C ALA A 230 -6.80 11.15 -23.59
N SER A 231 -6.92 12.46 -23.77
CA SER A 231 -5.80 13.33 -24.11
C SER A 231 -4.67 13.24 -23.07
N TYR A 232 -5.03 13.38 -21.79
CA TYR A 232 -4.04 13.38 -20.71
C TYR A 232 -3.55 12.00 -20.29
N ALA A 233 -4.36 10.97 -20.55
CA ALA A 233 -3.94 9.58 -20.44
C ALA A 233 -2.93 9.26 -21.53
N LEU A 234 -3.17 9.78 -22.73
CA LEU A 234 -2.24 9.60 -23.85
C LEU A 234 -0.94 10.31 -23.56
N LEU A 235 -1.04 11.53 -23.04
CA LEU A 235 0.14 12.30 -22.63
C LEU A 235 1.00 11.51 -21.65
N THR A 236 0.35 10.93 -20.64
CA THR A 236 1.03 10.16 -19.61
C THR A 236 1.80 8.97 -20.21
N HIS A 237 1.12 8.25 -21.12
CA HIS A 237 1.70 7.16 -21.90
C HIS A 237 2.92 7.58 -22.71
N LEU A 238 2.81 8.73 -23.40
CA LEU A 238 3.91 9.25 -24.24
C LEU A 238 5.15 9.63 -23.43
N ILE A 239 4.94 10.38 -22.36
CA ILE A 239 6.03 10.67 -21.43
C ILE A 239 6.59 9.38 -20.78
N ALA A 240 5.73 8.43 -20.44
CA ALA A 240 6.20 7.13 -19.90
C ALA A 240 7.16 6.43 -20.85
N HIS A 241 6.75 6.30 -22.10
CA HIS A 241 7.56 5.73 -23.18
C HIS A 241 8.91 6.46 -23.37
N GLU A 242 8.84 7.78 -23.36
CA GLU A 242 10.01 8.66 -23.50
C GLU A 242 11.02 8.42 -22.36
N THR A 243 10.51 8.15 -21.17
CA THR A 243 11.35 8.03 -19.97
C THR A 243 11.63 6.56 -19.62
N GLY A 244 11.18 5.64 -20.46
CA GLY A 244 11.36 4.20 -20.24
C GLY A 244 10.62 3.63 -19.05
N LEU A 245 9.52 4.26 -18.66
CA LEU A 245 8.74 3.83 -17.49
C LEU A 245 7.39 3.20 -17.87
N GLU A 246 6.81 2.47 -16.92
CA GLU A 246 5.46 1.91 -17.03
C GLU A 246 4.42 2.94 -16.60
N VAL A 247 3.17 2.74 -16.97
CA VAL A 247 2.13 3.70 -16.61
C VAL A 247 1.49 3.40 -15.26
N GLY A 248 1.24 4.45 -14.50
CA GLY A 248 0.57 4.35 -13.22
C GLY A 248 -0.86 4.81 -13.38
N GLU A 249 -1.20 5.91 -12.70
CA GLU A 249 -2.55 6.47 -12.72
C GLU A 249 -2.65 7.82 -13.42
N PHE A 250 -3.82 8.11 -13.98
CA PHE A 250 -4.15 9.45 -14.37
C PHE A 250 -5.22 9.98 -13.43
N VAL A 251 -4.87 11.01 -12.68
CA VAL A 251 -5.77 11.63 -11.72
C VAL A 251 -6.25 12.96 -12.29
N HIS A 252 -7.56 13.03 -12.51
CA HIS A 252 -8.23 14.16 -13.13
C HIS A 252 -8.95 14.96 -12.06
N THR A 253 -8.45 16.17 -11.79
CA THR A 253 -9.03 17.00 -10.75
C THR A 253 -9.76 18.16 -11.38
N LEU A 254 -10.98 18.39 -10.91
CA LEU A 254 -11.85 19.44 -11.47
C LEU A 254 -12.11 20.60 -10.51
N GLY A 255 -12.29 21.79 -11.08
CA GLY A 255 -12.72 22.97 -10.34
C GLY A 255 -14.19 23.22 -10.61
N ASP A 256 -14.49 24.02 -11.62
CA ASP A 256 -15.88 24.24 -12.01
C ASP A 256 -16.33 23.17 -13.02
N ALA A 257 -17.07 22.17 -12.54
CA ALA A 257 -17.56 21.09 -13.42
C ALA A 257 -19.01 21.34 -13.75
N HIS A 258 -19.30 21.51 -15.05
CA HIS A 258 -20.62 21.94 -15.49
C HIS A 258 -21.23 21.14 -16.64
N LEU A 259 -22.52 20.82 -16.49
CA LEU A 259 -23.28 20.15 -17.53
C LEU A 259 -24.29 21.12 -18.10
N TYR A 260 -24.12 21.47 -19.37
CA TYR A 260 -25.02 22.41 -20.04
C TYR A 260 -26.44 21.88 -20.06
N GLN A 261 -27.43 22.73 -19.79
CA GLN A 261 -28.83 22.26 -19.70
C GLN A 261 -29.35 21.50 -20.93
N ASN A 262 -28.83 21.84 -22.11
CA ASN A 262 -29.12 21.08 -23.32
C ASN A 262 -28.27 19.81 -23.50
N HIS A 263 -27.52 19.42 -22.47
CA HIS A 263 -26.78 18.14 -22.47
C HIS A 263 -27.36 17.09 -21.49
N VAL A 264 -28.49 17.42 -20.88
CA VAL A 264 -29.11 16.59 -19.85
C VAL A 264 -29.65 15.27 -20.43
N GLU A 265 -30.49 15.36 -21.46
CA GLU A 265 -31.05 14.18 -22.13
C GLU A 265 -29.95 13.26 -22.61
N GLN A 266 -28.89 13.84 -23.16
CA GLN A 266 -27.74 13.10 -23.64
C GLN A 266 -27.00 12.41 -22.49
N MET A 267 -26.88 13.07 -21.34
CA MET A 267 -26.29 12.44 -20.16
C MET A 267 -27.15 11.28 -19.63
N GLN A 268 -28.46 11.51 -19.50
CA GLN A 268 -29.41 10.47 -19.05
C GLN A 268 -29.35 9.25 -19.95
N GLU A 269 -29.28 9.50 -21.26
CA GLU A 269 -29.11 8.43 -22.25
C GLU A 269 -27.81 7.64 -21.99
N GLN A 270 -26.72 8.36 -21.70
CA GLN A 270 -25.43 7.72 -21.44
C GLN A 270 -25.50 6.83 -20.19
N LEU A 271 -26.15 7.31 -19.13
CA LEU A 271 -26.25 6.53 -17.89
C LEU A 271 -27.08 5.25 -18.01
N SER A 272 -27.92 5.18 -19.03
CA SER A 272 -28.75 4.00 -19.28
C SER A 272 -28.03 2.86 -20.01
N ARG A 273 -26.79 3.10 -20.43
CA ARG A 273 -26.02 2.09 -21.17
C ARG A 273 -25.07 1.39 -20.22
N GLU A 274 -24.62 0.19 -20.58
CA GLU A 274 -23.73 -0.55 -19.70
C GLU A 274 -22.27 -0.46 -20.15
N VAL A 275 -21.39 -0.26 -19.19
CA VAL A 275 -19.96 -0.14 -19.39
C VAL A 275 -19.35 -1.43 -20.00
N ARG A 276 -18.53 -1.24 -21.02
CA ARG A 276 -17.70 -2.30 -21.58
C ARG A 276 -16.27 -2.09 -21.12
N SER A 277 -15.36 -3.02 -21.45
CA SER A 277 -13.95 -2.87 -21.14
C SER A 277 -13.27 -1.78 -21.95
N PHE A 278 -12.41 -1.00 -21.28
CA PHE A 278 -11.54 -0.04 -21.96
C PHE A 278 -10.63 -0.78 -22.96
N PRO A 279 -10.29 -0.14 -24.07
CA PRO A 279 -9.41 -0.73 -25.08
C PRO A 279 -7.93 -0.62 -24.71
N THR A 280 -7.07 -1.08 -25.60
CA THR A 280 -5.64 -1.12 -25.37
C THR A 280 -4.93 -0.11 -26.25
N LEU A 281 -4.06 0.67 -25.63
CA LEU A 281 -3.20 1.59 -26.34
C LEU A 281 -1.96 0.86 -26.82
N VAL A 282 -1.59 1.11 -28.07
CA VAL A 282 -0.39 0.51 -28.65
C VAL A 282 0.46 1.63 -29.22
N LEU A 283 1.72 1.67 -28.82
CA LEU A 283 2.68 2.66 -29.32
C LEU A 283 3.84 1.98 -30.06
N ASN A 284 4.21 2.53 -31.22
CA ASN A 284 5.32 2.03 -32.06
C ASN A 284 6.65 1.93 -31.28
N PRO A 285 7.26 0.72 -31.25
CA PRO A 285 8.58 0.42 -30.65
C PRO A 285 9.79 1.20 -31.20
N SER A 289 12.03 8.48 -29.18
CA SER A 289 11.53 9.78 -28.74
C SER A 289 10.15 10.07 -29.34
N VAL A 290 9.27 10.60 -28.50
CA VAL A 290 7.89 10.85 -28.90
C VAL A 290 7.75 12.17 -29.66
N PHE A 291 8.87 12.85 -29.86
CA PHE A 291 8.89 14.08 -30.66
C PHE A 291 9.13 13.76 -32.14
N ASP A 292 9.24 12.46 -32.45
CA ASP A 292 9.25 11.98 -33.84
C ASP A 292 8.01 11.18 -34.17
N PHE A 293 7.09 11.04 -33.21
CA PHE A 293 5.83 10.33 -33.45
C PHE A 293 4.87 11.13 -34.32
N ASP A 294 4.27 10.47 -35.30
CA ASP A 294 3.14 11.02 -36.02
C ASP A 294 1.88 10.17 -35.73
N MET A 295 0.83 10.36 -36.51
CA MET A 295 -0.46 9.66 -36.33
C MET A 295 -0.34 8.15 -36.46
N GLU A 296 0.63 7.71 -37.26
CA GLU A 296 0.74 6.33 -37.67
C GLU A 296 1.24 5.47 -36.53
N ASP A 297 1.91 6.13 -35.57
CA ASP A 297 2.59 5.51 -34.44
C ASP A 297 1.72 5.31 -33.19
N ILE A 298 0.46 5.75 -33.22
CA ILE A 298 -0.43 5.62 -32.06
C ILE A 298 -1.73 4.95 -32.45
N LYS A 299 -1.95 3.72 -31.97
CA LYS A 299 -3.17 2.96 -32.31
C LYS A 299 -3.89 2.53 -31.06
N VAL A 300 -5.22 2.45 -31.16
CA VAL A 300 -6.04 1.83 -30.10
C VAL A 300 -6.54 0.47 -30.59
N GLU A 301 -6.44 -0.55 -29.74
CA GLU A 301 -6.93 -1.88 -30.06
C GLU A 301 -8.17 -2.27 -29.26
N GLY A 302 -9.10 -2.95 -29.91
CA GLY A 302 -10.28 -3.47 -29.24
C GLY A 302 -11.20 -2.38 -28.73
N TYR A 303 -11.35 -1.31 -29.50
CA TYR A 303 -12.34 -0.28 -29.19
C TYR A 303 -13.68 -0.72 -29.71
N ASP A 304 -14.63 -0.84 -28.80
CA ASP A 304 -15.99 -1.27 -29.09
C ASP A 304 -16.96 -0.48 -28.20
N PRO A 305 -17.24 0.79 -28.58
CA PRO A 305 -18.15 1.62 -27.81
C PRO A 305 -19.59 1.58 -28.30
N HIS A 306 -20.51 2.10 -27.49
CA HIS A 306 -21.89 2.38 -27.90
C HIS A 306 -21.91 3.60 -28.85
N PRO A 307 -22.89 3.67 -29.78
CA PRO A 307 -22.96 4.71 -30.84
C PRO A 307 -22.81 6.17 -30.35
N THR A 308 -22.34 7.05 -31.25
CA THR A 308 -22.19 8.47 -30.97
C THR A 308 -23.47 9.07 -30.40
N ILE A 309 -23.33 9.98 -29.44
CA ILE A 309 -24.46 10.75 -28.93
C ILE A 309 -24.25 12.22 -29.28
N LYS A 310 -25.04 12.71 -30.24
CA LYS A 310 -24.92 14.10 -30.73
C LYS A 310 -25.40 15.12 -29.68
N ALA A 311 -24.89 16.34 -29.78
CA ALA A 311 -25.21 17.41 -28.83
C ALA A 311 -24.75 18.77 -29.35
N PRO A 312 -25.53 19.84 -29.09
CA PRO A 312 -25.14 21.21 -29.46
C PRO A 312 -23.81 21.63 -28.83
N ILE A 313 -23.11 22.55 -29.46
CA ILE A 313 -21.87 23.11 -28.90
C ILE A 313 -22.08 24.56 -28.49
N MET B 1 -14.63 17.48 7.34
CA MET B 1 -14.46 17.18 8.79
C MET B 1 -13.02 16.76 9.10
N GLU B 2 -12.63 16.85 10.37
CA GLU B 2 -11.33 16.34 10.85
C GLU B 2 -11.09 14.90 10.40
N GLU B 3 -12.16 14.11 10.41
CA GLU B 3 -12.11 12.72 9.98
C GLU B 3 -11.51 12.58 8.56
N ALA B 4 -11.83 13.51 7.67
CA ALA B 4 -11.20 13.54 6.35
C ALA B 4 -9.66 13.55 6.42
N TYR B 5 -9.10 14.46 7.23
CA TYR B 5 -7.65 14.54 7.44
C TYR B 5 -7.13 13.31 8.18
N LEU B 6 -7.86 12.88 9.20
CA LEU B 6 -7.41 11.74 9.99
C LEU B 6 -7.32 10.52 9.11
N ALA B 7 -8.36 10.32 8.30
CA ALA B 7 -8.38 9.23 7.30
C ALA B 7 -7.22 9.26 6.29
N LEU B 8 -6.85 10.45 5.81
CA LEU B 8 -5.67 10.60 4.93
C LEU B 8 -4.38 10.06 5.57
N GLY B 9 -4.11 10.47 6.81
CA GLY B 9 -2.91 10.01 7.55
C GLY B 9 -2.90 8.49 7.77
N LYS B 10 -4.08 7.91 8.01
CA LYS B 10 -4.17 6.47 8.22
C LYS B 10 -3.80 5.74 6.93
N LYS B 11 -4.29 6.28 5.82
CA LYS B 11 -4.10 5.67 4.50
C LYS B 11 -2.65 5.73 4.06
N ILE B 12 -1.96 6.78 4.47
CA ILE B 12 -0.53 6.85 4.17
C ILE B 12 0.21 5.80 4.99
N LEU B 13 -0.15 5.68 6.26
CA LEU B 13 0.48 4.68 7.12
C LEU B 13 0.27 3.28 6.55
N GLU B 14 -0.90 3.04 5.98
CA GLU B 14 -1.27 1.71 5.50
C GLU B 14 -0.72 1.38 4.11
N GLU B 15 -0.76 2.37 3.21
CA GLU B 15 -0.52 2.10 1.78
C GLU B 15 0.63 2.86 1.11
N GLY B 16 1.10 3.94 1.73
CA GLY B 16 2.15 4.77 1.18
C GLY B 16 3.51 4.08 1.03
N HIS B 17 3.93 3.87 -0.22
CA HIS B 17 5.26 3.35 -0.52
C HIS B 17 6.36 4.34 -0.14
N PHE B 18 7.55 3.81 0.16
CA PHE B 18 8.70 4.60 0.59
C PHE B 18 9.31 5.37 -0.58
N LYS B 19 9.75 6.60 -0.34
CA LYS B 19 10.32 7.46 -1.38
C LYS B 19 11.51 8.23 -0.84
N GLU B 20 12.62 8.26 -1.61
CA GLU B 20 13.80 9.09 -1.29
C GLU B 20 13.53 10.57 -1.63
N ASP B 21 13.29 11.42 -0.63
CA ASP B 21 12.96 12.85 -0.89
C ASP B 21 14.17 13.80 -0.96
N ARG B 22 13.92 15.07 -1.27
CA ARG B 22 14.96 16.10 -1.37
C ARG B 22 15.74 16.38 -0.05
N THR B 23 15.05 16.29 1.09
CA THR B 23 15.62 16.61 2.39
C THR B 23 16.50 15.49 2.93
N GLY B 24 16.36 14.29 2.37
CA GLY B 24 17.14 13.12 2.82
C GLY B 24 16.52 12.36 4.00
N THR B 25 15.31 12.73 4.39
CA THR B 25 14.68 12.17 5.58
C THR B 25 14.09 10.82 5.24
N GLY B 26 13.43 10.74 4.08
CA GLY B 26 12.70 9.56 3.64
C GLY B 26 11.23 9.74 3.98
N THR B 27 10.36 9.43 3.01
CA THR B 27 8.90 9.56 3.17
C THR B 27 8.09 8.35 2.69
N TYR B 28 6.87 8.24 3.21
CA TYR B 28 5.87 7.34 2.65
C TYR B 28 4.89 8.24 1.95
N SER B 29 4.42 7.82 0.79
CA SER B 29 3.72 8.74 -0.11
C SER B 29 2.60 8.13 -0.98
N LEU B 30 1.58 8.94 -1.22
CA LEU B 30 0.53 8.67 -2.19
C LEU B 30 0.45 9.89 -3.11
N PHE B 31 -0.13 9.70 -4.29
CA PHE B 31 -0.33 10.75 -5.27
C PHE B 31 -1.82 10.80 -5.61
N GLY B 32 -2.39 12.00 -5.57
CA GLY B 32 -3.81 12.21 -5.87
C GLY B 32 -4.70 11.99 -4.66
N TYR B 33 -5.16 13.10 -4.08
CA TYR B 33 -6.04 13.07 -2.92
C TYR B 33 -6.92 14.34 -2.88
N GLN B 34 -8.10 14.19 -2.27
CA GLN B 34 -9.04 15.33 -2.07
C GLN B 34 -9.76 15.22 -0.73
N MET B 35 -9.87 16.34 -0.03
CA MET B 35 -10.58 16.46 1.24
C MET B 35 -11.53 17.67 1.21
N ARG B 36 -12.75 17.49 1.76
CA ARG B 36 -13.73 18.59 1.82
C ARG B 36 -13.99 19.09 3.27
N PHE B 37 -13.98 20.40 3.46
CA PHE B 37 -14.31 20.98 4.75
C PHE B 37 -15.48 21.98 4.65
N ASP B 38 -16.60 21.65 5.29
CA ASP B 38 -17.77 22.53 5.30
C ASP B 38 -17.54 23.54 6.41
N LEU B 39 -17.20 24.76 6.00
CA LEU B 39 -16.77 25.81 6.96
C LEU B 39 -17.93 26.29 7.82
N ALA B 40 -19.16 26.02 7.35
CA ALA B 40 -20.36 26.33 8.09
C ALA B 40 -20.52 25.40 9.30
N LYS B 41 -19.78 24.29 9.31
CA LYS B 41 -19.80 23.38 10.44
C LYS B 41 -18.70 23.67 11.48
N GLY B 42 -17.91 24.71 11.24
CA GLY B 42 -16.90 25.13 12.22
C GLY B 42 -15.56 25.41 11.59
N PHE B 43 -14.69 26.05 12.34
CA PHE B 43 -13.43 26.46 11.76
C PHE B 43 -12.39 25.34 11.96
N PRO B 44 -11.84 24.80 10.85
CA PRO B 44 -11.07 23.55 10.88
C PRO B 44 -9.67 23.66 11.42
N LEU B 45 -9.56 24.06 12.69
CA LEU B 45 -8.32 24.01 13.45
C LEU B 45 -8.35 22.70 14.24
N LEU B 46 -7.41 21.81 13.95
CA LEU B 46 -7.43 20.43 14.42
C LEU B 46 -7.58 20.30 15.92
N THR B 47 -8.43 19.37 16.34
CA THR B 47 -8.71 19.12 17.75
C THR B 47 -7.94 17.90 18.28
N THR B 48 -7.59 16.98 17.39
CA THR B 48 -6.82 15.78 17.83
C THR B 48 -5.38 16.08 18.18
N LYS B 49 -4.93 17.32 17.92
CA LYS B 49 -3.65 17.86 18.44
C LYS B 49 -3.73 19.38 18.44
N ARG B 50 -3.05 20.01 19.41
CA ARG B 50 -3.01 21.48 19.49
C ARG B 50 -2.26 22.06 18.29
N VAL B 51 -2.95 22.92 17.54
CA VAL B 51 -2.37 23.68 16.44
C VAL B 51 -2.33 25.19 16.82
N PRO B 52 -1.12 25.81 16.74
CA PRO B 52 -0.90 27.24 17.05
C PRO B 52 -1.42 28.22 16.00
N PHE B 53 -2.65 28.66 16.20
CA PHE B 53 -3.32 29.59 15.30
C PHE B 53 -2.63 30.95 15.19
N GLY B 54 -2.02 31.39 16.29
CA GLY B 54 -1.26 32.64 16.31
C GLY B 54 -0.29 32.68 15.14
N LEU B 55 0.33 31.53 14.86
CA LEU B 55 1.31 31.37 13.78
C LEU B 55 0.64 31.28 12.40
N ILE B 56 -0.54 30.68 12.35
CA ILE B 56 -1.28 30.60 11.10
C ILE B 56 -1.59 32.00 10.59
N LYS B 57 -2.10 32.87 11.47
CA LYS B 57 -2.54 34.19 11.02
C LYS B 57 -1.36 35.09 10.68
N SER B 58 -0.30 35.00 11.49
CA SER B 58 1.00 35.65 11.21
C SER B 58 1.44 35.41 9.79
N GLU B 59 1.57 34.12 9.45
CA GLU B 59 2.01 33.72 8.13
C GLU B 59 1.03 34.18 7.04
N LEU B 60 -0.28 34.07 7.29
CA LEU B 60 -1.28 34.59 6.35
C LEU B 60 -1.17 36.12 6.10
N LEU B 61 -1.08 36.91 7.17
CA LEU B 61 -1.03 38.36 7.05
C LEU B 61 0.21 38.76 6.27
N TRP B 62 1.32 38.08 6.57
CA TRP B 62 2.60 38.26 5.92
C TRP B 62 2.51 37.98 4.41
N PHE B 63 1.76 36.94 4.04
CA PHE B 63 1.48 36.65 2.63
C PHE B 63 0.64 37.76 1.98
N LEU B 64 -0.43 38.17 2.67
CA LEU B 64 -1.39 39.14 2.15
C LEU B 64 -0.78 40.52 1.90
N LYS B 65 0.17 40.90 2.75
CA LYS B 65 0.81 42.20 2.63
C LYS B 65 2.01 42.18 1.67
N GLY B 66 2.24 41.03 1.02
CA GLY B 66 3.22 40.90 -0.06
C GLY B 66 4.67 40.71 0.36
N ASP B 67 4.89 40.37 1.62
CA ASP B 67 6.22 40.36 2.22
C ASP B 67 6.86 38.96 2.16
N THR B 68 8.14 38.91 1.79
CA THR B 68 8.89 37.65 1.66
C THR B 68 10.17 37.67 2.50
N ASN B 69 10.30 38.69 3.34
CA ASN B 69 11.37 38.71 4.35
C ASN B 69 10.84 38.14 5.67
N ILE B 70 11.67 37.36 6.37
CA ILE B 70 11.23 36.72 7.61
C ILE B 70 11.15 37.69 8.78
N ARG B 71 11.69 38.89 8.61
CA ARG B 71 11.77 39.88 9.70
C ARG B 71 10.43 40.06 10.37
N TYR B 72 9.40 40.26 9.55
CA TYR B 72 8.03 40.49 10.02
C TYR B 72 7.60 39.36 10.94
N LEU B 73 7.92 38.12 10.58
CA LEU B 73 7.55 36.92 11.34
C LEU B 73 8.23 36.80 12.72
N LEU B 74 9.49 37.20 12.79
CA LEU B 74 10.24 37.14 14.04
C LEU B 74 9.78 38.21 15.05
N GLU B 75 9.33 39.37 14.58
CA GLU B 75 8.78 40.41 15.48
C GLU B 75 7.54 39.88 16.21
N ARG B 76 6.98 38.80 15.67
CA ARG B 76 5.73 38.21 16.15
C ARG B 76 5.93 36.78 16.66
N ASN B 77 7.19 36.47 16.99
CA ASN B 77 7.61 35.18 17.55
C ASN B 77 7.17 33.96 16.74
N ASN B 78 7.32 34.07 15.42
CA ASN B 78 7.00 33.03 14.46
C ASN B 78 8.28 32.62 13.73
N HIS B 79 8.68 31.36 13.92
CA HIS B 79 9.97 30.89 13.48
C HIS B 79 9.89 29.77 12.44
N ILE B 80 8.73 29.63 11.79
CA ILE B 80 8.50 28.48 10.92
C ILE B 80 9.14 28.57 9.52
N TRP B 81 9.68 29.75 9.19
CA TRP B 81 10.39 29.93 7.93
C TRP B 81 11.89 30.17 8.14
N ASP B 82 12.31 30.17 9.40
CA ASP B 82 13.70 30.43 9.80
C ASP B 82 14.74 29.57 9.12
N GLU B 83 14.41 28.29 8.92
CA GLU B 83 15.41 27.33 8.50
C GLU B 83 15.85 27.58 7.07
N TRP B 84 14.92 27.95 6.21
CA TRP B 84 15.28 28.18 4.81
C TRP B 84 16.15 29.44 4.64
N ALA B 85 15.81 30.50 5.37
CA ALA B 85 16.65 31.68 5.50
C ALA B 85 18.02 31.38 6.10
N PHE B 86 18.04 30.71 7.25
CA PHE B 86 19.29 30.34 7.95
C PHE B 86 20.22 29.52 7.05
N GLU B 87 19.65 28.55 6.31
CA GLU B 87 20.41 27.73 5.36
C GLU B 87 21.15 28.58 4.34
N ARG B 88 20.45 29.56 3.78
CA ARG B 88 21.02 30.47 2.79
C ARG B 88 22.20 31.23 3.38
N TYR B 89 22.06 31.63 4.64
CA TYR B 89 23.09 32.39 5.34
C TYR B 89 24.34 31.55 5.64
N VAL B 90 24.15 30.30 6.06
CA VAL B 90 25.29 29.44 6.42
C VAL B 90 26.03 28.92 5.19
N LYS B 91 25.39 29.04 4.03
CA LYS B 91 26.04 28.72 2.76
C LYS B 91 26.81 29.93 2.19
N SER B 92 26.45 31.13 2.66
CA SER B 92 27.03 32.37 2.14
C SER B 92 28.50 32.52 2.52
N ALA B 93 29.13 33.58 2.04
CA ALA B 93 30.54 33.86 2.33
C ALA B 93 30.70 34.63 3.63
N ASP B 94 29.59 35.14 4.16
CA ASP B 94 29.60 35.96 5.36
C ASP B 94 29.37 35.13 6.62
N TYR B 95 29.23 33.82 6.49
CA TYR B 95 29.11 32.94 7.66
C TYR B 95 30.47 32.48 8.20
N GLN B 96 30.67 32.64 9.50
CA GLN B 96 31.92 32.25 10.12
C GLN B 96 31.72 31.55 11.46
N GLY B 97 30.58 30.87 11.63
CA GLY B 97 30.39 29.97 12.77
C GLY B 97 30.89 28.57 12.44
N PRO B 98 30.62 27.59 13.32
CA PRO B 98 31.01 26.21 13.02
C PRO B 98 30.17 25.65 11.86
N ASP B 99 30.73 24.67 11.15
CA ASP B 99 30.10 24.17 9.94
C ASP B 99 28.66 23.71 10.19
N MET B 100 27.78 24.01 9.25
CA MET B 100 26.36 23.71 9.41
C MET B 100 25.76 22.79 8.32
N THR B 101 26.62 22.06 7.61
CA THR B 101 26.17 21.17 6.51
C THR B 101 25.24 20.06 6.99
N ASP B 102 24.02 20.05 6.46
CA ASP B 102 22.97 19.12 6.86
C ASP B 102 22.59 19.27 8.35
N PHE B 103 22.45 20.52 8.80
CA PHE B 103 22.07 20.79 10.18
C PHE B 103 20.70 20.21 10.56
N GLY B 104 19.84 20.02 9.56
CA GLY B 104 18.47 19.54 9.76
C GLY B 104 18.40 18.17 10.38
N HIS B 105 19.32 17.29 9.96
CA HIS B 105 19.43 15.91 10.47
C HIS B 105 20.38 15.75 11.66
N ARG B 106 21.53 16.43 11.61
CA ARG B 106 22.56 16.29 12.64
C ARG B 106 22.12 16.77 14.03
N VAL B 107 21.11 17.65 14.10
CA VAL B 107 20.54 18.08 15.39
C VAL B 107 19.78 16.96 16.12
N LEU B 108 19.30 15.97 15.36
CA LEU B 108 18.48 14.88 15.88
C LEU B 108 19.32 13.73 16.43
N GLN B 109 20.61 13.71 16.08
CA GLN B 109 21.49 12.58 16.35
C GLN B 109 22.71 12.95 17.22
N ASP B 110 22.95 14.25 17.36
CA ASP B 110 24.19 14.75 17.94
C ASP B 110 23.92 15.94 18.89
N PRO B 111 23.78 15.66 20.19
CA PRO B 111 23.47 16.70 21.19
C PRO B 111 24.53 17.81 21.28
N ALA B 112 25.79 17.48 21.01
CA ALA B 112 26.87 18.47 20.94
C ALA B 112 26.65 19.45 19.79
N PHE B 113 26.24 18.93 18.63
CA PHE B 113 25.94 19.76 17.47
C PHE B 113 24.62 20.54 17.65
N ALA B 114 23.69 19.95 18.41
CA ALA B 114 22.35 20.53 18.63
C ALA B 114 22.39 21.84 19.42
N GLU B 115 23.39 21.97 20.29
CA GLU B 115 23.63 23.19 21.07
C GLU B 115 24.37 24.26 20.25
N GLN B 116 25.24 23.83 19.33
CA GLN B 116 25.92 24.77 18.43
C GLN B 116 24.94 25.41 17.44
N TYR B 117 24.09 24.57 16.84
CA TYR B 117 23.02 25.06 15.99
C TYR B 117 22.17 26.05 16.75
N LYS B 118 21.64 25.60 17.88
CA LYS B 118 20.75 26.41 18.71
C LYS B 118 21.29 27.81 18.91
N GLU B 119 22.60 27.92 19.13
CA GLU B 119 23.22 29.23 19.38
C GLU B 119 23.54 30.04 18.11
N GLU B 120 23.93 29.36 17.03
CA GLU B 120 24.04 30.00 15.73
C GLU B 120 22.69 30.45 15.19
N HIS B 121 21.61 29.80 15.63
CA HIS B 121 20.27 30.18 15.21
C HIS B 121 19.77 31.37 16.00
N GLN B 122 20.02 31.36 17.32
CA GLN B 122 19.71 32.47 18.22
C GLN B 122 20.41 33.78 17.82
N LYS B 123 21.60 33.68 17.24
CA LYS B 123 22.32 34.88 16.79
C LYS B 123 21.94 35.34 15.38
N PHE B 124 21.49 34.42 14.53
CA PHE B 124 20.88 34.75 13.23
C PHE B 124 19.62 35.58 13.47
N CYS B 125 18.71 35.05 14.30
CA CYS B 125 17.47 35.75 14.64
C CYS B 125 17.68 37.15 15.26
N ASP B 126 18.62 37.29 16.21
CA ASP B 126 18.96 38.58 16.80
C ASP B 126 19.42 39.56 15.74
N ALA B 127 20.34 39.11 14.89
CA ALA B 127 20.84 39.89 13.75
C ALA B 127 19.75 40.33 12.74
N ILE B 128 18.84 39.42 12.38
CA ILE B 128 17.72 39.77 11.49
C ILE B 128 16.83 40.82 12.15
N LEU B 129 16.63 40.67 13.45
CA LEU B 129 15.75 41.57 14.21
C LEU B 129 16.33 42.98 14.43
N ASN B 130 17.63 43.09 14.66
CA ASN B 130 18.19 44.38 15.08
C ASN B 130 19.07 45.08 14.02
N ASP B 131 19.56 44.31 13.06
CA ASP B 131 20.45 44.81 12.01
C ASP B 131 19.76 44.80 10.64
N ALA B 132 19.43 45.99 10.14
CA ALA B 132 18.63 46.13 8.91
C ALA B 132 19.37 45.79 7.62
N GLU B 133 20.68 45.96 7.61
CA GLU B 133 21.49 45.51 6.48
C GLU B 133 21.47 43.98 6.36
N PHE B 134 21.75 43.30 7.47
CA PHE B 134 21.72 41.85 7.57
C PHE B 134 20.33 41.30 7.19
N ALA B 135 19.29 41.93 7.76
CA ALA B 135 17.90 41.58 7.53
C ALA B 135 17.57 41.57 6.06
N GLU B 136 18.00 42.61 5.35
CA GLU B 136 17.71 42.81 3.94
C GLU B 136 18.33 41.69 3.12
N LYS B 137 19.57 41.34 3.40
CA LYS B 137 20.22 40.28 2.64
C LYS B 137 19.90 38.86 3.10
N TYR B 138 19.70 38.64 4.39
CA TYR B 138 19.51 37.25 4.87
C TYR B 138 18.10 36.87 5.39
N GLY B 139 17.24 37.86 5.51
CA GLY B 139 15.84 37.60 5.78
C GLY B 139 15.03 37.15 4.57
N GLU B 140 15.63 37.25 3.38
CA GLU B 140 14.94 37.16 2.07
C GLU B 140 14.83 35.74 1.48
N LEU B 141 13.60 35.33 1.18
CA LEU B 141 13.32 34.00 0.63
C LEU B 141 13.09 33.99 -0.89
N GLY B 142 13.11 35.17 -1.51
CA GLY B 142 12.88 35.29 -2.95
C GLY B 142 11.40 35.50 -3.22
N ASN B 143 10.99 35.43 -4.49
CA ASN B 143 9.60 35.67 -4.86
C ASN B 143 8.65 34.48 -4.57
N ILE B 144 8.47 34.20 -3.29
CA ILE B 144 7.50 33.17 -2.85
C ILE B 144 6.07 33.75 -2.74
N TYR B 145 5.22 33.06 -1.97
CA TYR B 145 3.76 33.34 -1.91
C TYR B 145 3.38 34.83 -1.97
N GLY B 146 3.83 35.61 -0.99
CA GLY B 146 3.57 37.05 -0.94
C GLY B 146 3.83 37.83 -2.22
N ALA B 147 4.97 37.57 -2.86
CA ALA B 147 5.37 38.28 -4.10
C ALA B 147 4.56 37.87 -5.35
N GLN B 148 4.09 36.63 -5.41
CA GLN B 148 3.25 36.18 -6.53
C GLN B 148 1.78 36.61 -6.38
N TRP B 149 1.29 36.62 -5.14
CA TRP B 149 -0.09 37.03 -4.84
C TRP B 149 -0.33 38.54 -5.09
N ARG B 150 0.68 39.36 -4.79
CA ARG B 150 0.52 40.81 -4.79
C ARG B 150 1.37 41.55 -5.83
N HIS B 151 2.39 40.90 -6.37
CA HIS B 151 3.42 41.61 -7.13
C HIS B 151 4.10 40.67 -8.15
N TRP B 152 3.31 39.81 -8.79
CA TRP B 152 3.76 39.01 -9.92
C TRP B 152 4.27 39.95 -11.00
N GLU B 153 5.52 39.77 -11.40
CA GLU B 153 6.24 40.76 -12.21
C GLU B 153 6.00 40.56 -13.68
N THR B 154 5.66 41.66 -14.38
CA THR B 154 5.41 41.59 -15.82
C THR B 154 6.69 41.80 -16.66
N LYS B 155 6.61 41.44 -17.93
CA LYS B 155 7.68 41.63 -18.90
C LYS B 155 7.93 43.10 -19.24
N ASP B 156 6.88 43.92 -19.19
CA ASP B 156 7.01 45.33 -19.58
C ASP B 156 7.32 46.31 -18.43
N GLY B 157 7.80 45.80 -17.30
CA GLY B 157 8.21 46.64 -16.18
C GLY B 157 7.20 46.90 -15.07
N SER B 158 6.12 46.12 -14.99
CA SER B 158 5.12 46.33 -13.94
C SER B 158 4.84 45.07 -13.10
N PHE B 159 3.69 45.04 -12.41
CA PHE B 159 3.29 43.91 -11.54
C PHE B 159 1.76 43.70 -11.50
N ILE B 160 1.34 42.44 -11.44
CA ILE B 160 -0.06 42.09 -11.27
C ILE B 160 -0.37 41.73 -9.82
N ASP B 161 -1.28 42.49 -9.21
CA ASP B 161 -1.81 42.19 -7.90
C ASP B 161 -2.84 41.09 -8.10
N GLN B 162 -2.38 39.85 -8.07
CA GLN B 162 -3.19 38.72 -8.46
C GLN B 162 -4.35 38.50 -7.48
N LEU B 163 -4.06 38.58 -6.19
CA LEU B 163 -5.08 38.39 -5.16
C LEU B 163 -6.14 39.48 -5.16
N ALA B 164 -5.71 40.74 -5.26
CA ALA B 164 -6.67 41.83 -5.25
C ALA B 164 -7.61 41.73 -6.45
N ASN B 165 -7.06 41.48 -7.64
CA ASN B 165 -7.90 41.32 -8.83
C ASN B 165 -9.01 40.29 -8.62
N VAL B 166 -8.65 39.11 -8.14
CA VAL B 166 -9.60 38.00 -7.96
C VAL B 166 -10.73 38.30 -6.95
N ILE B 167 -10.41 39.00 -5.86
CA ILE B 167 -11.38 39.46 -4.88
C ILE B 167 -12.43 40.36 -5.55
N GLU B 168 -11.97 41.35 -6.32
CA GLU B 168 -12.89 42.27 -7.01
C GLU B 168 -13.68 41.54 -8.10
N MET B 169 -13.08 40.53 -8.72
CA MET B 169 -13.79 39.65 -9.64
C MET B 169 -14.91 38.86 -8.95
N ILE B 170 -14.73 38.49 -7.68
CA ILE B 170 -15.78 37.85 -6.90
C ILE B 170 -17.00 38.76 -6.70
N LYS B 171 -16.74 40.07 -6.54
CA LYS B 171 -17.79 41.06 -6.29
C LYS B 171 -18.67 41.38 -7.50
N THR B 172 -18.10 41.40 -8.69
CA THR B 172 -18.82 41.86 -9.90
C THR B 172 -19.07 40.72 -10.86
N ASN B 173 -18.24 39.69 -10.80
CA ASN B 173 -18.38 38.57 -11.69
C ASN B 173 -18.37 37.23 -10.93
N PRO B 174 -19.32 37.05 -9.99
CA PRO B 174 -19.27 35.92 -9.05
C PRO B 174 -19.38 34.53 -9.70
N ASP B 175 -19.84 34.45 -10.94
CA ASP B 175 -19.99 33.16 -11.59
C ASP B 175 -18.80 32.82 -12.48
N SER B 176 -17.79 33.69 -12.46
CA SER B 176 -16.60 33.47 -13.29
C SER B 176 -15.93 32.14 -12.96
N ARG B 177 -15.32 31.53 -13.97
CA ARG B 177 -14.57 30.30 -13.76
C ARG B 177 -13.06 30.58 -13.80
N ARG B 178 -12.70 31.86 -13.73
CA ARG B 178 -11.30 32.29 -13.75
C ARG B 178 -10.86 32.95 -12.42
N LEU B 179 -11.53 32.61 -11.31
CA LEU B 179 -11.21 33.20 -10.02
C LEU B 179 -9.98 32.49 -9.42
N ILE B 180 -8.84 32.66 -10.10
CA ILE B 180 -7.61 31.88 -9.87
C ILE B 180 -6.45 32.77 -9.40
N VAL B 181 -5.72 32.30 -8.39
CA VAL B 181 -4.46 32.89 -8.01
C VAL B 181 -3.39 31.80 -8.04
N SER B 182 -2.32 32.03 -8.80
CA SER B 182 -1.24 31.05 -8.95
C SER B 182 0.01 31.57 -8.31
N ALA B 183 0.69 30.68 -7.60
CA ALA B 183 1.99 31.03 -7.00
C ALA B 183 3.12 30.46 -7.84
N TRP B 184 2.77 29.65 -8.86
CA TRP B 184 3.79 29.04 -9.70
C TRP B 184 4.22 29.87 -10.91
N ASN B 185 5.26 30.66 -10.70
CA ASN B 185 5.83 31.50 -11.74
C ASN B 185 7.12 30.82 -12.17
N PRO B 186 7.12 30.18 -13.37
CA PRO B 186 8.29 29.39 -13.79
C PRO B 186 9.57 30.18 -13.77
N GLU B 187 9.48 31.50 -13.99
CA GLU B 187 10.67 32.35 -14.05
C GLU B 187 11.33 32.48 -12.66
N ASP B 188 10.52 32.53 -11.60
CA ASP B 188 11.01 32.79 -10.25
C ASP B 188 11.29 31.53 -9.41
N VAL B 189 10.80 30.38 -9.84
CA VAL B 189 10.99 29.16 -9.06
C VAL B 189 12.45 28.95 -8.62
N PRO B 190 13.43 28.92 -9.57
CA PRO B 190 14.78 28.56 -9.14
C PRO B 190 15.50 29.59 -8.27
N SER B 191 14.88 30.73 -8.02
CA SER B 191 15.45 31.69 -7.07
C SER B 191 14.66 31.70 -5.77
N MET B 192 13.62 30.86 -5.72
CA MET B 192 12.79 30.72 -4.53
C MET B 192 13.51 29.86 -3.53
N ALA B 193 13.37 30.18 -2.24
CA ALA B 193 13.93 29.33 -1.21
C ALA B 193 13.31 27.94 -1.35
N LEU B 194 11.98 27.87 -1.43
CA LEU B 194 11.26 26.67 -1.87
C LEU B 194 10.23 27.07 -2.93
N PRO B 195 10.03 26.23 -3.96
CA PRO B 195 8.92 26.50 -4.86
C PRO B 195 7.61 26.26 -4.10
N PRO B 196 6.51 26.95 -4.48
CA PRO B 196 5.31 26.93 -3.64
C PRO B 196 4.67 25.54 -3.45
N CYS B 197 4.54 25.12 -2.18
CA CYS B 197 3.96 23.82 -1.85
C CYS B 197 2.41 23.84 -2.07
N HIS B 198 1.75 24.87 -1.58
CA HIS B 198 0.35 25.13 -1.94
C HIS B 198 0.34 26.09 -3.13
N THR B 199 0.29 25.49 -4.32
CA THR B 199 0.72 26.09 -5.57
C THR B 199 -0.28 27.07 -6.21
N MET B 200 -1.56 26.76 -6.10
CA MET B 200 -2.57 27.41 -6.90
C MET B 200 -3.96 27.20 -6.31
N PHE B 201 -4.77 28.27 -6.29
CA PHE B 201 -6.14 28.15 -5.75
C PHE B 201 -7.25 28.80 -6.59
N GLN B 202 -8.47 28.34 -6.38
CA GLN B 202 -9.62 28.78 -7.15
C GLN B 202 -10.83 29.04 -6.25
N PHE B 203 -11.70 29.95 -6.69
CA PHE B 203 -12.92 30.29 -5.99
C PHE B 203 -14.19 30.03 -6.84
N TYR B 204 -15.30 29.78 -6.13
CA TYR B 204 -16.58 29.47 -6.74
C TYR B 204 -17.71 30.07 -5.93
N VAL B 205 -18.82 30.39 -6.61
CA VAL B 205 -19.97 31.00 -5.94
C VAL B 205 -21.31 30.31 -6.27
N ASN B 206 -22.05 29.92 -5.24
CA ASN B 206 -23.47 29.62 -5.38
C ASN B 206 -24.29 30.00 -4.14
N GLU B 207 -25.48 30.57 -4.37
CA GLU B 207 -26.46 30.82 -3.32
C GLU B 207 -25.88 31.65 -2.16
N GLY B 208 -25.07 32.65 -2.49
CA GLY B 208 -24.47 33.52 -1.49
C GLY B 208 -23.34 32.93 -0.68
N LYS B 209 -22.90 31.73 -1.04
CA LYS B 209 -21.79 31.04 -0.38
C LYS B 209 -20.52 31.06 -1.23
N LEU B 210 -19.37 31.32 -0.59
CA LEU B 210 -18.08 31.28 -1.28
C LEU B 210 -17.26 30.04 -0.93
N SER B 211 -16.89 29.27 -1.94
CA SER B 211 -16.03 28.10 -1.75
C SER B 211 -14.66 28.31 -2.40
N CYS B 212 -13.67 27.62 -1.86
CA CYS B 212 -12.31 27.70 -2.34
C CYS B 212 -11.79 26.29 -2.53
N GLN B 213 -11.00 26.10 -3.58
CA GLN B 213 -10.25 24.86 -3.76
C GLN B 213 -8.78 25.21 -3.91
N LEU B 214 -7.93 24.39 -3.32
CA LEU B 214 -6.50 24.53 -3.39
C LEU B 214 -5.91 23.30 -4.10
N TYR B 215 -4.95 23.53 -4.98
CA TYR B 215 -4.12 22.45 -5.45
C TYR B 215 -2.74 22.59 -4.76
N GLN B 216 -2.40 21.59 -3.95
CA GLN B 216 -1.15 21.56 -3.21
C GLN B 216 -0.26 20.49 -3.78
N ARG B 217 0.75 20.89 -4.53
CA ARG B 217 1.64 19.96 -5.25
C ARG B 217 2.38 18.98 -4.34
N SER B 218 2.62 19.41 -3.11
CA SER B 218 3.50 18.70 -2.19
C SER B 218 3.04 18.98 -0.78
N ALA B 219 2.73 17.92 -0.05
CA ALA B 219 1.97 18.07 1.18
C ALA B 219 2.57 17.27 2.34
N ASP B 220 3.20 18.01 3.24
CA ASP B 220 3.71 17.52 4.53
C ASP B 220 2.52 17.30 5.45
N VAL B 221 2.12 16.06 5.58
CA VAL B 221 0.83 15.72 6.19
C VAL B 221 0.80 15.85 7.72
N PHE B 222 1.86 15.42 8.42
CA PHE B 222 1.84 15.66 9.86
C PHE B 222 1.97 17.11 10.31
N LEU B 223 3.04 17.79 9.88
CA LEU B 223 3.35 19.14 10.34
C LEU B 223 2.75 20.30 9.52
N GLY B 224 2.71 20.15 8.21
CA GLY B 224 2.30 21.25 7.33
C GLY B 224 0.82 21.34 6.98
N VAL B 225 0.20 20.22 6.61
CA VAL B 225 -1.19 20.22 6.16
C VAL B 225 -2.20 20.85 7.15
N PRO B 226 -2.06 20.58 8.46
CA PRO B 226 -3.00 21.23 9.38
C PRO B 226 -2.85 22.74 9.41
N PHE B 227 -1.64 23.24 9.13
CA PHE B 227 -1.39 24.67 8.93
C PHE B 227 -2.10 25.15 7.65
N ASN B 228 -1.77 24.51 6.54
CA ASN B 228 -2.36 24.84 5.23
C ASN B 228 -3.90 24.86 5.23
N ILE B 229 -4.52 23.81 5.78
CA ILE B 229 -5.99 23.78 5.95
C ILE B 229 -6.52 25.05 6.65
N ALA B 230 -5.97 25.35 7.83
CA ALA B 230 -6.41 26.50 8.62
C ALA B 230 -6.09 27.80 7.90
N SER B 231 -4.95 27.82 7.21
CA SER B 231 -4.52 28.98 6.44
C SER B 231 -5.53 29.40 5.34
N TYR B 232 -5.96 28.42 4.54
CA TYR B 232 -6.92 28.65 3.47
C TYR B 232 -8.35 28.78 3.98
N ALA B 233 -8.70 28.07 5.04
CA ALA B 233 -10.01 28.31 5.66
C ALA B 233 -10.15 29.77 6.10
N LEU B 234 -9.12 30.29 6.79
CA LEU B 234 -9.08 31.69 7.23
C LEU B 234 -9.13 32.66 6.06
N LEU B 235 -8.44 32.32 4.98
CA LEU B 235 -8.41 33.17 3.81
C LEU B 235 -9.80 33.27 3.19
N THR B 236 -10.44 32.12 3.06
CA THR B 236 -11.78 32.04 2.51
C THR B 236 -12.76 32.92 3.32
N HIS B 237 -12.64 32.86 4.65
CA HIS B 237 -13.46 33.70 5.55
C HIS B 237 -13.19 35.20 5.36
N LEU B 238 -11.93 35.59 5.15
CA LEU B 238 -11.59 37.00 5.01
C LEU B 238 -12.23 37.55 3.76
N ILE B 239 -12.08 36.81 2.66
CA ILE B 239 -12.67 37.15 1.39
C ILE B 239 -14.21 37.15 1.42
N ALA B 240 -14.82 36.23 2.18
CA ALA B 240 -16.27 36.23 2.42
C ALA B 240 -16.74 37.45 3.20
N HIS B 241 -16.04 37.77 4.29
CA HIS B 241 -16.26 39.05 5.00
C HIS B 241 -16.24 40.24 4.03
N GLU B 242 -15.12 40.48 3.37
CA GLU B 242 -14.99 41.62 2.43
C GLU B 242 -16.11 41.70 1.39
N THR B 243 -16.40 40.57 0.72
CA THR B 243 -17.32 40.51 -0.43
C THR B 243 -18.80 40.32 -0.02
N GLY B 244 -19.05 40.20 1.28
CA GLY B 244 -20.41 40.09 1.82
C GLY B 244 -21.12 38.77 1.60
N LEU B 245 -20.34 37.69 1.57
CA LEU B 245 -20.90 36.35 1.34
C LEU B 245 -20.75 35.49 2.60
N GLU B 246 -21.52 34.41 2.66
CA GLU B 246 -21.31 33.35 3.64
C GLU B 246 -20.17 32.45 3.18
N VAL B 247 -19.71 31.58 4.08
CA VAL B 247 -18.69 30.59 3.72
C VAL B 247 -19.29 29.27 3.22
N GLY B 248 -18.69 28.72 2.17
CA GLY B 248 -19.08 27.40 1.66
C GLY B 248 -18.11 26.32 2.12
N GLU B 249 -17.50 25.63 1.17
CA GLU B 249 -16.57 24.53 1.45
C GLU B 249 -15.12 24.97 1.21
N PHE B 250 -14.18 24.36 1.94
CA PHE B 250 -12.77 24.37 1.49
C PHE B 250 -12.37 22.99 0.98
N VAL B 251 -12.00 22.91 -0.29
CA VAL B 251 -11.66 21.64 -0.91
C VAL B 251 -10.13 21.58 -1.03
N HIS B 252 -9.52 20.61 -0.34
CA HIS B 252 -8.07 20.45 -0.38
C HIS B 252 -7.69 19.31 -1.31
N THR B 253 -7.13 19.65 -2.46
CA THR B 253 -6.62 18.69 -3.44
C THR B 253 -5.11 18.60 -3.27
N LEU B 254 -4.57 17.37 -3.24
CA LEU B 254 -3.12 17.15 -3.08
C LEU B 254 -2.46 16.37 -4.20
N GLY B 255 -1.24 16.76 -4.56
CA GLY B 255 -0.34 15.92 -5.36
C GLY B 255 0.38 14.91 -4.47
N ASP B 256 1.67 15.13 -4.17
CA ASP B 256 2.44 14.23 -3.31
C ASP B 256 2.04 14.51 -1.86
N ALA B 257 1.12 13.70 -1.35
CA ALA B 257 0.86 13.69 0.08
C ALA B 257 1.79 12.68 0.73
N HIS B 258 2.58 13.17 1.68
CA HIS B 258 3.61 12.36 2.31
C HIS B 258 3.66 12.47 3.83
N LEU B 259 4.03 11.35 4.43
CA LEU B 259 4.39 11.27 5.82
C LEU B 259 5.91 11.08 5.91
N TYR B 260 6.59 12.03 6.55
CA TYR B 260 8.00 11.90 6.81
C TYR B 260 8.26 10.70 7.74
N GLN B 261 9.27 9.88 7.44
CA GLN B 261 9.46 8.61 8.17
C GLN B 261 9.63 8.84 9.68
N ASN B 262 10.09 10.05 10.04
CA ASN B 262 10.19 10.43 11.45
C ASN B 262 8.93 11.13 12.00
N HIS B 263 7.82 11.02 11.27
CA HIS B 263 6.50 11.54 11.68
C HIS B 263 5.45 10.46 11.98
N VAL B 264 5.84 9.18 11.90
CA VAL B 264 4.90 8.06 11.96
C VAL B 264 4.26 7.86 13.35
N GLU B 265 5.10 7.79 14.39
CA GLU B 265 4.64 7.65 15.77
C GLU B 265 3.73 8.78 16.22
N GLN B 266 4.09 9.99 15.79
CA GLN B 266 3.24 11.16 15.93
C GLN B 266 1.86 10.94 15.31
N MET B 267 1.82 10.54 14.04
CA MET B 267 0.55 10.30 13.36
C MET B 267 -0.25 9.19 14.04
N GLN B 268 0.45 8.18 14.57
CA GLN B 268 -0.17 7.06 15.27
C GLN B 268 -0.86 7.50 16.56
N GLU B 269 -0.08 8.09 17.45
CA GLU B 269 -0.59 8.71 18.67
C GLU B 269 -1.79 9.63 18.37
N GLN B 270 -1.67 10.47 17.32
CA GLN B 270 -2.81 11.32 16.91
C GLN B 270 -4.11 10.55 16.61
N LEU B 271 -3.96 9.45 15.87
CA LEU B 271 -5.09 8.68 15.43
C LEU B 271 -5.79 7.96 16.59
N SER B 272 -5.11 7.83 17.71
CA SER B 272 -5.69 7.16 18.87
C SER B 272 -6.56 8.11 19.72
N ARG B 273 -6.80 9.32 19.21
CA ARG B 273 -7.44 10.37 20.00
C ARG B 273 -8.83 10.67 19.47
N GLU B 274 -9.78 10.89 20.40
CA GLU B 274 -11.17 11.21 20.04
C GLU B 274 -11.32 12.65 19.54
N VAL B 275 -11.93 12.82 18.37
CA VAL B 275 -12.20 14.15 17.80
C VAL B 275 -13.14 14.96 18.68
N ARG B 276 -12.84 16.26 18.83
CA ARG B 276 -13.71 17.21 19.50
C ARG B 276 -14.28 18.21 18.47
N SER B 277 -15.34 18.91 18.82
CA SER B 277 -15.93 19.86 17.89
C SER B 277 -14.91 20.93 17.45
N PHE B 278 -15.01 21.41 16.21
CA PHE B 278 -14.14 22.51 15.77
C PHE B 278 -14.50 23.79 16.52
N PRO B 279 -13.54 24.71 16.64
CA PRO B 279 -13.88 26.01 17.18
C PRO B 279 -14.65 26.88 16.19
N THR B 280 -14.88 28.14 16.58
CA THR B 280 -15.59 29.09 15.76
C THR B 280 -14.69 30.31 15.53
N LEU B 281 -14.65 30.80 14.29
CA LEU B 281 -13.79 31.96 13.96
C LEU B 281 -14.54 33.27 14.16
N VAL B 282 -13.81 34.28 14.65
CA VAL B 282 -14.37 35.59 15.01
C VAL B 282 -13.56 36.70 14.36
N LEU B 283 -14.21 37.44 13.48
CA LEU B 283 -13.55 38.54 12.79
C LEU B 283 -14.10 39.88 13.27
N ASN B 284 -13.24 40.90 13.26
CA ASN B 284 -13.62 42.25 13.58
C ASN B 284 -14.55 42.80 12.49
N PRO B 285 -15.83 43.07 12.85
CA PRO B 285 -16.84 43.59 11.93
C PRO B 285 -16.48 44.94 11.27
N ASP B 286 -15.71 45.78 11.95
CA ASP B 286 -15.36 47.13 11.46
C ASP B 286 -14.43 47.14 10.25
N LYS B 287 -13.65 46.08 10.07
CA LYS B 287 -12.74 46.01 8.92
C LYS B 287 -13.50 45.68 7.63
N ALA B 288 -13.09 46.33 6.55
CA ALA B 288 -13.76 46.20 5.26
C ALA B 288 -12.90 45.46 4.22
N SER B 289 -11.60 45.73 4.19
CA SER B 289 -10.74 45.02 3.24
C SER B 289 -9.99 43.83 3.86
N VAL B 290 -9.80 42.78 3.05
CA VAL B 290 -8.89 41.66 3.39
C VAL B 290 -7.58 42.23 3.93
N PHE B 291 -7.01 43.20 3.22
CA PHE B 291 -5.69 43.77 3.52
C PHE B 291 -5.67 44.77 4.68
N ASP B 292 -6.80 44.93 5.37
CA ASP B 292 -6.87 45.83 6.52
C ASP B 292 -6.76 45.11 7.86
N PHE B 293 -6.76 43.77 7.82
CA PHE B 293 -6.79 42.97 9.05
C PHE B 293 -5.41 42.90 9.71
N ASP B 294 -5.40 43.06 11.03
CA ASP B 294 -4.18 42.92 11.81
C ASP B 294 -4.37 41.76 12.81
N MET B 295 -3.32 41.42 13.56
CA MET B 295 -3.36 40.26 14.48
C MET B 295 -4.55 40.26 15.45
N GLU B 296 -4.78 41.36 16.15
CA GLU B 296 -5.84 41.38 17.18
C GLU B 296 -7.25 41.40 16.58
N ASP B 297 -7.33 41.54 15.25
CA ASP B 297 -8.60 41.53 14.53
C ASP B 297 -9.15 40.12 14.26
N ILE B 298 -8.29 39.10 14.41
CA ILE B 298 -8.64 37.71 14.07
C ILE B 298 -8.48 36.76 15.27
N LYS B 299 -9.56 36.13 15.69
CA LYS B 299 -9.52 35.30 16.87
C LYS B 299 -10.24 33.97 16.67
N VAL B 300 -10.01 33.07 17.61
CA VAL B 300 -10.63 31.75 17.59
C VAL B 300 -11.08 31.42 19.01
N GLU B 301 -12.32 30.97 19.12
CA GLU B 301 -12.96 30.74 20.42
C GLU B 301 -13.47 29.33 20.59
N GLY B 302 -13.47 28.88 21.83
CA GLY B 302 -13.82 27.51 22.18
C GLY B 302 -12.90 26.49 21.53
N TYR B 303 -11.63 26.86 21.33
CA TYR B 303 -10.61 25.89 20.91
C TYR B 303 -10.09 25.15 22.14
N ASP B 304 -10.39 23.85 22.18
CA ASP B 304 -10.13 22.99 23.33
C ASP B 304 -9.56 21.66 22.80
N PRO B 305 -8.31 21.67 22.31
CA PRO B 305 -7.71 20.49 21.65
C PRO B 305 -7.02 19.52 22.61
N HIS B 306 -6.64 18.36 22.08
CA HIS B 306 -5.75 17.46 22.80
C HIS B 306 -4.34 18.07 22.80
N PRO B 307 -3.40 17.48 23.55
CA PRO B 307 -2.13 18.21 23.68
C PRO B 307 -1.23 18.25 22.43
N THR B 308 -0.26 19.15 22.47
CA THR B 308 0.79 19.27 21.46
C THR B 308 1.53 17.93 21.23
N ILE B 309 1.70 17.57 19.96
CA ILE B 309 2.52 16.43 19.57
C ILE B 309 3.72 16.92 18.76
N LYS B 310 4.88 16.97 19.41
CA LYS B 310 6.11 17.53 18.82
C LYS B 310 6.73 16.69 17.70
N ALA B 311 7.24 17.33 16.65
CA ALA B 311 7.87 16.59 15.56
C ALA B 311 8.97 17.40 14.88
N PRO B 312 9.95 16.74 14.27
CA PRO B 312 11.00 17.51 13.59
C PRO B 312 10.63 17.92 12.16
N ILE B 313 10.77 19.23 11.87
CA ILE B 313 10.65 19.77 10.52
C ILE B 313 11.73 19.21 9.57
N ALA B 314 11.30 18.73 8.39
CA ALA B 314 12.23 18.30 7.34
C ALA B 314 12.77 19.52 6.59
N VAL B 315 14.09 19.69 6.59
CA VAL B 315 14.67 20.90 6.06
C VAL B 315 15.30 20.69 4.68
N MET C 1 -0.83 -15.92 -10.33
CA MET C 1 -1.21 -16.16 -11.77
C MET C 1 -0.74 -17.54 -12.21
N GLU C 2 -1.18 -17.99 -13.39
CA GLU C 2 -0.80 -19.30 -13.91
C GLU C 2 0.71 -19.42 -14.20
N GLU C 3 1.28 -18.35 -14.71
CA GLU C 3 2.71 -18.24 -14.94
C GLU C 3 3.52 -18.49 -13.66
N ALA C 4 2.85 -18.50 -12.50
CA ALA C 4 3.49 -18.89 -11.24
C ALA C 4 3.67 -20.42 -11.10
N TYR C 5 2.70 -21.17 -11.64
CA TYR C 5 2.80 -22.63 -11.70
C TYR C 5 3.82 -23.07 -12.78
N LEU C 6 3.82 -22.36 -13.90
CA LEU C 6 4.68 -22.70 -15.06
C LEU C 6 6.16 -22.44 -14.79
N ALA C 7 6.45 -21.41 -14.00
CA ALA C 7 7.79 -21.13 -13.48
C ALA C 7 8.23 -22.26 -12.52
N LEU C 8 7.30 -22.74 -11.67
CA LEU C 8 7.60 -23.85 -10.79
C LEU C 8 7.97 -25.10 -11.59
N GLY C 9 7.15 -25.42 -12.59
CA GLY C 9 7.43 -26.49 -13.57
C GLY C 9 8.78 -26.35 -14.25
N LYS C 10 9.05 -25.20 -14.85
CA LYS C 10 10.33 -24.94 -15.54
C LYS C 10 11.55 -24.99 -14.60
N LYS C 11 11.45 -24.41 -13.41
CA LYS C 11 12.55 -24.45 -12.43
C LYS C 11 12.95 -25.88 -12.02
N ILE C 12 11.98 -26.76 -11.86
CA ILE C 12 12.26 -28.14 -11.48
C ILE C 12 12.97 -28.89 -12.63
N LEU C 13 12.52 -28.67 -13.86
CA LEU C 13 13.22 -29.25 -15.00
C LEU C 13 14.70 -28.84 -15.01
N GLU C 14 14.95 -27.56 -14.77
CA GLU C 14 16.30 -27.01 -14.88
C GLU C 14 17.18 -27.20 -13.64
N GLU C 15 16.57 -27.32 -12.45
CA GLU C 15 17.33 -27.26 -11.20
C GLU C 15 16.96 -28.32 -10.17
N GLY C 16 15.93 -29.11 -10.45
CA GLY C 16 15.50 -30.16 -9.52
C GLY C 16 16.57 -31.21 -9.32
N HIS C 17 16.52 -31.88 -8.18
CA HIS C 17 17.48 -32.94 -7.85
C HIS C 17 16.90 -34.31 -8.21
N PHE C 18 17.69 -35.15 -8.85
CA PHE C 18 17.23 -36.48 -9.20
C PHE C 18 17.35 -37.44 -8.04
N LYS C 19 16.34 -38.30 -7.90
CA LYS C 19 16.27 -39.31 -6.86
C LYS C 19 15.53 -40.51 -7.42
N GLU C 20 16.01 -41.69 -7.06
CA GLU C 20 15.43 -42.95 -7.49
C GLU C 20 15.05 -43.75 -6.25
N ASP C 21 13.75 -43.90 -6.00
CA ASP C 21 13.28 -44.56 -4.78
C ASP C 21 13.48 -46.09 -4.81
N ARG C 22 12.99 -46.76 -3.77
CA ARG C 22 13.14 -48.22 -3.66
C ARG C 22 12.53 -48.94 -4.85
N THR C 23 11.34 -48.50 -5.27
CA THR C 23 10.59 -49.17 -6.34
C THR C 23 11.20 -48.94 -7.72
N GLY C 24 12.11 -47.97 -7.81
CA GLY C 24 12.74 -47.61 -9.07
C GLY C 24 12.20 -46.35 -9.72
N THR C 25 11.19 -45.74 -9.08
CA THR C 25 10.58 -44.54 -9.64
C THR C 25 11.53 -43.33 -9.54
N GLY C 26 11.70 -42.62 -10.66
CA GLY C 26 12.57 -41.44 -10.75
C GLY C 26 11.81 -40.13 -10.54
N THR C 27 12.50 -39.15 -9.95
CA THR C 27 11.86 -37.92 -9.48
C THR C 27 12.81 -36.69 -9.55
N TYR C 28 12.29 -35.55 -9.99
CA TYR C 28 13.05 -34.30 -9.94
C TYR C 28 12.38 -33.39 -8.92
N SER C 29 13.14 -32.95 -7.91
CA SER C 29 12.53 -32.22 -6.81
C SER C 29 13.28 -30.98 -6.34
N LEU C 30 12.54 -30.11 -5.67
CA LEU C 30 13.09 -29.02 -4.89
C LEU C 30 12.26 -28.85 -3.64
N PHE C 31 12.82 -28.18 -2.64
CA PHE C 31 12.20 -28.07 -1.33
C PHE C 31 11.95 -26.62 -0.96
N GLY C 32 10.71 -26.31 -0.59
CA GLY C 32 10.32 -24.95 -0.25
C GLY C 32 9.94 -24.15 -1.48
N TYR C 33 8.69 -23.75 -1.54
CA TYR C 33 8.21 -23.00 -2.68
C TYR C 33 6.87 -22.36 -2.36
N GLN C 34 6.66 -21.15 -2.86
CA GLN C 34 5.39 -20.46 -2.61
C GLN C 34 4.79 -19.85 -3.89
N MET C 35 3.50 -20.09 -4.09
CA MET C 35 2.73 -19.52 -5.20
C MET C 35 1.52 -18.72 -4.69
N ARG C 36 1.16 -17.67 -5.42
CA ARG C 36 0.05 -16.78 -5.04
C ARG C 36 -1.03 -16.73 -6.11
N PHE C 37 -2.28 -16.70 -5.68
CA PHE C 37 -3.40 -16.62 -6.58
C PHE C 37 -4.40 -15.57 -6.13
N ASP C 38 -4.29 -14.36 -6.65
CA ASP C 38 -5.33 -13.33 -6.42
C ASP C 38 -6.62 -13.76 -7.13
N LEU C 39 -7.59 -14.17 -6.32
CA LEU C 39 -8.85 -14.75 -6.81
C LEU C 39 -9.80 -13.73 -7.41
N ALA C 40 -9.48 -12.44 -7.26
CA ALA C 40 -10.26 -11.37 -7.85
C ALA C 40 -9.96 -11.28 -9.33
N LYS C 41 -8.76 -11.72 -9.71
CA LYS C 41 -8.34 -11.81 -11.10
C LYS C 41 -9.00 -13.01 -11.80
N GLY C 42 -9.77 -13.81 -11.06
CA GLY C 42 -10.39 -15.00 -11.64
C GLY C 42 -10.00 -16.30 -10.95
N PHE C 43 -10.69 -17.38 -11.31
CA PHE C 43 -10.55 -18.70 -10.68
C PHE C 43 -9.46 -19.60 -11.31
N PRO C 44 -8.44 -19.98 -10.52
CA PRO C 44 -7.19 -20.62 -11.00
C PRO C 44 -7.28 -22.08 -11.50
N LEU C 45 -8.21 -22.33 -12.42
CA LEU C 45 -8.32 -23.58 -13.15
C LEU C 45 -7.41 -23.45 -14.39
N LEU C 46 -6.35 -24.27 -14.45
CA LEU C 46 -5.30 -24.06 -15.47
C LEU C 46 -5.83 -23.93 -16.90
N THR C 47 -5.27 -23.00 -17.67
CA THR C 47 -5.71 -22.86 -19.07
C THR C 47 -4.75 -23.54 -20.07
N THR C 48 -3.53 -23.85 -19.64
CA THR C 48 -2.55 -24.51 -20.52
C THR C 48 -2.74 -26.02 -20.68
N LYS C 49 -3.68 -26.59 -19.92
CA LYS C 49 -4.16 -27.96 -20.13
C LYS C 49 -5.50 -28.07 -19.45
N ARG C 50 -6.39 -28.92 -19.98
CA ARG C 50 -7.72 -29.12 -19.40
C ARG C 50 -7.61 -29.70 -18.00
N VAL C 51 -8.36 -29.09 -17.08
CA VAL C 51 -8.52 -29.59 -15.72
C VAL C 51 -10.01 -29.85 -15.51
N PRO C 52 -10.39 -31.11 -15.22
CA PRO C 52 -11.79 -31.52 -15.06
C PRO C 52 -12.33 -31.09 -13.70
N PHE C 53 -13.21 -30.10 -13.74
CA PHE C 53 -13.71 -29.42 -12.55
C PHE C 53 -14.63 -30.29 -11.69
N GLY C 54 -15.32 -31.22 -12.33
CA GLY C 54 -16.33 -32.04 -11.67
C GLY C 54 -15.76 -32.85 -10.52
N LEU C 55 -14.65 -33.51 -10.79
CA LEU C 55 -13.97 -34.34 -9.80
C LEU C 55 -13.45 -33.51 -8.62
N ILE C 56 -13.00 -32.29 -8.89
CA ILE C 56 -12.59 -31.36 -7.85
C ILE C 56 -13.76 -30.98 -6.93
N LYS C 57 -14.93 -30.66 -7.50
CA LYS C 57 -16.05 -30.21 -6.66
C LYS C 57 -16.72 -31.30 -5.85
N SER C 58 -16.85 -32.50 -6.42
CA SER C 58 -17.48 -33.61 -5.71
C SER C 58 -16.65 -34.04 -4.51
N GLU C 59 -15.34 -33.86 -4.64
CA GLU C 59 -14.38 -34.29 -3.63
C GLU C 59 -14.30 -33.26 -2.52
N LEU C 60 -14.39 -31.99 -2.91
CA LEU C 60 -14.31 -30.90 -1.95
C LEU C 60 -15.57 -30.85 -1.11
N LEU C 61 -16.73 -31.05 -1.73
CA LEU C 61 -18.00 -31.05 -0.99
C LEU C 61 -18.05 -32.23 -0.04
N TRP C 62 -17.52 -33.37 -0.50
CA TRP C 62 -17.38 -34.57 0.30
C TRP C 62 -16.51 -34.33 1.54
N PHE C 63 -15.43 -33.56 1.35
CA PHE C 63 -14.58 -33.19 2.48
C PHE C 63 -15.35 -32.25 3.40
N LEU C 64 -16.06 -31.30 2.78
CA LEU C 64 -16.78 -30.24 3.47
C LEU C 64 -17.84 -30.69 4.45
N LYS C 65 -18.70 -31.60 4.01
CA LYS C 65 -19.69 -32.16 4.93
C LYS C 65 -19.18 -33.41 5.64
N GLY C 66 -17.87 -33.46 5.83
CA GLY C 66 -17.21 -34.46 6.67
C GLY C 66 -17.50 -35.92 6.42
N ASP C 67 -18.04 -36.24 5.25
CA ASP C 67 -18.38 -37.62 4.91
C ASP C 67 -17.14 -38.48 4.64
N THR C 68 -17.12 -39.67 5.20
CA THR C 68 -16.03 -40.62 4.98
C THR C 68 -16.50 -41.88 4.24
N ASN C 69 -17.66 -41.78 3.60
CA ASN C 69 -18.24 -42.88 2.84
C ASN C 69 -18.15 -42.70 1.33
N ILE C 70 -18.01 -43.81 0.62
CA ILE C 70 -17.85 -43.84 -0.83
C ILE C 70 -19.13 -43.44 -1.60
N ARG C 71 -20.30 -43.69 -1.01
CA ARG C 71 -21.57 -43.55 -1.74
C ARG C 71 -21.78 -42.16 -2.34
N TYR C 72 -21.49 -41.12 -1.56
CA TYR C 72 -21.62 -39.73 -2.00
C TYR C 72 -20.79 -39.47 -3.26
N LEU C 73 -19.58 -40.00 -3.31
CA LEU C 73 -18.68 -39.81 -4.45
C LEU C 73 -19.12 -40.59 -5.67
N LEU C 74 -19.59 -41.82 -5.46
CA LEU C 74 -20.10 -42.66 -6.54
C LEU C 74 -21.37 -42.09 -7.17
N GLU C 75 -22.34 -41.75 -6.33
CA GLU C 75 -23.59 -41.10 -6.75
C GLU C 75 -23.33 -39.87 -7.62
N ARG C 76 -22.10 -39.35 -7.55
CA ARG C 76 -21.72 -38.15 -8.26
C ARG C 76 -20.58 -38.39 -9.25
N ASN C 77 -20.55 -39.61 -9.81
CA ASN C 77 -19.73 -39.93 -10.98
C ASN C 77 -18.21 -39.89 -10.71
N ASN C 78 -17.84 -39.87 -9.44
CA ASN C 78 -16.45 -39.79 -9.03
C ASN C 78 -15.93 -41.15 -8.59
N HIS C 79 -14.85 -41.61 -9.24
CA HIS C 79 -14.30 -42.95 -9.01
C HIS C 79 -12.85 -42.92 -8.53
N ILE C 80 -12.52 -41.96 -7.66
CA ILE C 80 -11.13 -41.79 -7.20
C ILE C 80 -10.73 -42.70 -6.03
N TRP C 81 -11.72 -43.23 -5.32
CA TRP C 81 -11.47 -44.22 -4.27
C TRP C 81 -12.22 -45.52 -4.52
N ASP C 82 -12.31 -45.90 -5.80
CA ASP C 82 -12.90 -47.18 -6.22
C ASP C 82 -11.94 -48.34 -5.96
N GLU C 83 -10.68 -48.15 -6.33
CA GLU C 83 -9.67 -49.20 -6.24
C GLU C 83 -9.43 -49.66 -4.80
N TRP C 84 -9.38 -48.70 -3.88
CA TRP C 84 -9.08 -48.97 -2.47
C TRP C 84 -10.21 -49.72 -1.76
N ALA C 85 -11.46 -49.35 -2.05
CA ALA C 85 -12.64 -49.94 -1.43
C ALA C 85 -13.02 -51.31 -2.00
N PHE C 86 -12.76 -51.52 -3.28
CA PHE C 86 -12.97 -52.82 -3.91
C PHE C 86 -11.93 -53.82 -3.42
N GLU C 87 -10.68 -53.35 -3.35
CA GLU C 87 -9.56 -54.14 -2.82
C GLU C 87 -9.85 -54.61 -1.39
N ARG C 88 -10.36 -53.71 -0.56
CA ARG C 88 -10.77 -54.02 0.81
C ARG C 88 -11.79 -55.16 0.84
N TYR C 89 -12.83 -55.01 0.01
CA TYR C 89 -14.01 -55.88 0.02
C TYR C 89 -13.74 -57.34 -0.35
N VAL C 90 -12.74 -57.58 -1.20
CA VAL C 90 -12.43 -58.96 -1.62
C VAL C 90 -11.50 -59.70 -0.65
N LYS C 91 -12.05 -60.01 0.52
CA LYS C 91 -11.33 -60.71 1.57
C LYS C 91 -12.31 -61.36 2.55
N GLU C 133 -27.13 -51.05 -1.23
CA GLU C 133 -27.40 -50.21 -0.06
C GLU C 133 -26.57 -50.61 1.17
N PHE C 134 -25.65 -51.56 0.98
CA PHE C 134 -24.84 -52.17 2.06
C PHE C 134 -23.54 -51.42 2.38
N ALA C 135 -23.41 -50.20 1.87
CA ALA C 135 -22.17 -49.41 1.96
C ALA C 135 -21.78 -48.96 3.38
N GLU C 136 -22.72 -49.07 4.33
CA GLU C 136 -22.46 -48.67 5.73
C GLU C 136 -21.49 -49.60 6.45
N LYS C 137 -21.15 -50.72 5.79
CA LYS C 137 -20.22 -51.68 6.34
C LYS C 137 -18.95 -51.84 5.48
N TYR C 138 -19.07 -51.55 4.18
CA TYR C 138 -17.95 -51.77 3.25
C TYR C 138 -17.57 -50.55 2.41
N GLY C 139 -18.31 -49.45 2.60
CA GLY C 139 -18.02 -48.21 1.87
C GLY C 139 -17.28 -47.16 2.68
N GLU C 140 -17.15 -47.41 3.99
CA GLU C 140 -16.50 -46.46 4.89
C GLU C 140 -14.98 -46.46 4.71
N LEU C 141 -14.35 -45.32 5.01
CA LEU C 141 -12.89 -45.17 4.85
C LEU C 141 -12.14 -44.99 6.18
N GLY C 142 -12.61 -44.06 7.01
CA GLY C 142 -12.10 -43.91 8.37
C GLY C 142 -11.48 -42.56 8.71
N ASN C 143 -10.17 -42.46 8.53
CA ASN C 143 -9.40 -41.29 8.98
C ASN C 143 -8.78 -40.50 7.82
N ILE C 144 -9.62 -39.74 7.14
CA ILE C 144 -9.20 -38.88 6.02
C ILE C 144 -9.78 -37.48 6.19
N TYR C 145 -9.60 -36.63 5.17
CA TYR C 145 -9.89 -35.19 5.29
C TYR C 145 -11.25 -34.86 5.90
N GLY C 146 -12.30 -35.51 5.40
CA GLY C 146 -13.65 -35.32 5.92
C GLY C 146 -13.70 -35.48 7.42
N ALA C 147 -13.19 -36.62 7.91
CA ALA C 147 -13.06 -36.89 9.34
C ALA C 147 -12.14 -35.91 10.04
N GLN C 148 -11.01 -35.58 9.42
CA GLN C 148 -10.00 -34.74 10.07
C GLN C 148 -10.40 -33.25 10.16
N TRP C 149 -11.10 -32.76 9.15
CA TRP C 149 -11.60 -31.39 9.17
C TRP C 149 -12.78 -31.22 10.13
N ARG C 150 -13.66 -32.22 10.20
CA ARG C 150 -14.93 -32.07 10.91
C ARG C 150 -15.02 -32.84 12.25
N HIS C 151 -14.10 -33.77 12.50
CA HIS C 151 -14.29 -34.77 13.56
C HIS C 151 -12.96 -35.29 14.13
N TRP C 152 -12.19 -34.39 14.75
CA TRP C 152 -10.91 -34.72 15.38
C TRP C 152 -11.15 -35.27 16.80
N GLU C 153 -10.94 -36.58 16.92
CA GLU C 153 -11.10 -37.32 18.18
C GLU C 153 -10.13 -36.81 19.24
N THR C 154 -10.68 -36.57 20.43
CA THR C 154 -9.87 -36.22 21.60
C THR C 154 -9.69 -37.45 22.50
N LYS C 155 -8.76 -37.34 23.45
CA LYS C 155 -8.41 -38.42 24.37
C LYS C 155 -9.61 -39.02 25.11
N ASP C 156 -10.52 -38.15 25.56
CA ASP C 156 -11.67 -38.61 26.34
C ASP C 156 -12.94 -39.03 25.52
N GLY C 157 -12.78 -39.25 24.21
CA GLY C 157 -13.89 -39.75 23.39
C GLY C 157 -14.79 -38.74 22.67
N SER C 158 -14.64 -37.45 22.96
CA SER C 158 -15.38 -36.42 22.21
C SER C 158 -14.62 -35.95 20.95
N PHE C 159 -15.16 -34.93 20.28
CA PHE C 159 -14.72 -34.56 18.94
C PHE C 159 -14.67 -33.05 18.75
N ILE C 160 -13.60 -32.57 18.09
CA ILE C 160 -13.50 -31.16 17.68
C ILE C 160 -13.86 -31.04 16.19
N ASP C 161 -14.75 -30.09 15.86
CA ASP C 161 -15.09 -29.77 14.49
C ASP C 161 -14.32 -28.52 14.06
N GLN C 162 -13.04 -28.72 13.73
CA GLN C 162 -12.10 -27.65 13.32
C GLN C 162 -12.72 -26.71 12.28
N LEU C 163 -13.24 -27.28 11.20
CA LEU C 163 -13.75 -26.49 10.09
C LEU C 163 -14.93 -25.59 10.51
N ALA C 164 -15.91 -26.17 11.21
CA ALA C 164 -17.01 -25.40 11.81
C ALA C 164 -16.52 -24.31 12.79
N ASN C 165 -15.52 -24.62 13.61
CA ASN C 165 -15.00 -23.64 14.57
C ASN C 165 -14.35 -22.42 13.90
N VAL C 166 -13.53 -22.68 12.88
CA VAL C 166 -12.82 -21.61 12.17
C VAL C 166 -13.81 -20.69 11.45
N ILE C 167 -14.90 -21.27 10.92
CA ILE C 167 -15.93 -20.49 10.24
C ILE C 167 -16.58 -19.46 11.18
N GLU C 168 -16.96 -19.94 12.35
CA GLU C 168 -17.59 -19.13 13.39
C GLU C 168 -16.62 -18.05 13.88
N MET C 169 -15.35 -18.42 14.01
CA MET C 169 -14.30 -17.49 14.42
C MET C 169 -14.16 -16.37 13.39
N ILE C 170 -14.20 -16.75 12.11
CA ILE C 170 -14.17 -15.78 11.02
C ILE C 170 -15.30 -14.75 11.12
N LYS C 171 -16.50 -15.20 11.52
CA LYS C 171 -17.68 -14.30 11.63
C LYS C 171 -17.65 -13.40 12.86
N THR C 172 -17.08 -13.90 13.95
CA THR C 172 -17.09 -13.22 15.25
C THR C 172 -15.77 -12.52 15.57
N ASN C 173 -14.70 -12.96 14.93
CA ASN C 173 -13.37 -12.46 15.22
C ASN C 173 -12.47 -12.57 13.99
N PRO C 174 -12.81 -11.82 12.92
CA PRO C 174 -12.06 -11.89 11.67
C PRO C 174 -10.54 -11.67 11.82
N ASP C 175 -10.13 -10.90 12.83
CA ASP C 175 -8.71 -10.60 13.06
C ASP C 175 -7.88 -11.71 13.72
N SER C 176 -8.50 -12.80 14.14
CA SER C 176 -7.77 -13.95 14.67
C SER C 176 -6.62 -14.35 13.76
N ARG C 177 -5.47 -14.59 14.37
CA ARG C 177 -4.31 -15.20 13.72
C ARG C 177 -4.29 -16.68 14.05
N ARG C 178 -5.42 -17.20 14.53
CA ARG C 178 -5.55 -18.60 14.94
C ARG C 178 -6.53 -19.40 14.05
N LEU C 179 -6.71 -18.94 12.81
CA LEU C 179 -7.71 -19.52 11.91
C LEU C 179 -7.18 -20.73 11.13
N ILE C 180 -6.87 -21.78 11.88
CA ILE C 180 -6.06 -22.90 11.39
C ILE C 180 -6.84 -24.21 11.43
N VAL C 181 -6.81 -24.94 10.32
CA VAL C 181 -7.29 -26.32 10.26
C VAL C 181 -6.06 -27.23 10.06
N SER C 182 -5.97 -28.28 10.87
CA SER C 182 -4.86 -29.20 10.78
C SER C 182 -5.35 -30.59 10.39
N ALA C 183 -4.55 -31.30 9.59
CA ALA C 183 -4.88 -32.67 9.15
C ALA C 183 -3.79 -33.65 9.55
N TRP C 184 -2.78 -33.14 10.28
CA TRP C 184 -1.61 -33.90 10.67
C TRP C 184 -1.65 -34.27 12.14
N ASN C 185 -1.95 -35.53 12.43
CA ASN C 185 -1.89 -36.08 13.76
C ASN C 185 -0.86 -37.18 13.74
N PRO C 186 0.19 -37.06 14.56
CA PRO C 186 1.33 -38.02 14.59
C PRO C 186 0.96 -39.40 15.18
N GLU C 187 -0.11 -39.47 15.94
CA GLU C 187 -0.55 -40.73 16.50
C GLU C 187 -1.13 -41.65 15.42
N ASP C 188 -1.66 -41.07 14.34
CA ASP C 188 -2.36 -41.86 13.35
C ASP C 188 -1.62 -42.04 12.02
N VAL C 189 -0.66 -41.16 11.74
CA VAL C 189 0.07 -41.20 10.46
C VAL C 189 0.86 -42.50 10.17
N PRO C 190 1.58 -43.05 11.16
CA PRO C 190 2.40 -44.22 10.80
C PRO C 190 1.62 -45.52 10.52
N SER C 191 0.31 -45.53 10.74
CA SER C 191 -0.51 -46.69 10.36
C SER C 191 -1.54 -46.38 9.27
N MET C 192 -1.40 -45.21 8.63
CA MET C 192 -2.31 -44.80 7.56
C MET C 192 -1.84 -45.35 6.23
N ALA C 193 -2.81 -45.61 5.35
CA ALA C 193 -2.53 -45.97 3.96
C ALA C 193 -1.85 -44.78 3.26
N LEU C 194 -2.58 -43.69 3.04
CA LEU C 194 -1.95 -42.41 2.62
C LEU C 194 -2.11 -41.32 3.67
N PRO C 195 -1.00 -40.92 4.33
CA PRO C 195 -1.04 -39.74 5.17
C PRO C 195 -1.39 -38.48 4.36
N PRO C 196 -2.14 -37.54 4.95
CA PRO C 196 -2.63 -36.37 4.21
C PRO C 196 -1.49 -35.56 3.57
N CYS C 197 -1.59 -35.38 2.26
CA CYS C 197 -0.66 -34.54 1.52
C CYS C 197 -0.83 -33.06 1.86
N HIS C 198 -2.03 -32.69 2.29
CA HIS C 198 -2.31 -31.33 2.73
C HIS C 198 -2.32 -31.30 4.25
N THR C 199 -1.17 -30.98 4.85
CA THR C 199 -1.00 -31.13 6.29
C THR C 199 -1.76 -30.10 7.14
N MET C 200 -1.92 -28.89 6.59
CA MET C 200 -2.42 -27.76 7.36
C MET C 200 -2.79 -26.57 6.48
N PHE C 201 -3.81 -25.82 6.89
CA PHE C 201 -4.12 -24.54 6.26
C PHE C 201 -4.69 -23.51 7.24
N GLN C 202 -4.60 -22.26 6.80
CA GLN C 202 -4.92 -21.09 7.60
C GLN C 202 -5.67 -20.07 6.74
N PHE C 203 -6.66 -19.43 7.34
CA PHE C 203 -7.43 -18.34 6.72
C PHE C 203 -6.99 -17.02 7.33
N TYR C 204 -7.27 -15.95 6.58
CA TYR C 204 -6.88 -14.59 6.95
C TYR C 204 -7.94 -13.63 6.39
N VAL C 205 -8.33 -12.62 7.15
CA VAL C 205 -9.20 -11.54 6.63
C VAL C 205 -8.60 -10.17 6.85
N ASN C 206 -8.68 -9.34 5.81
CA ASN C 206 -8.38 -7.91 5.88
C ASN C 206 -9.33 -7.25 4.89
N GLU C 207 -9.92 -6.12 5.29
CA GLU C 207 -10.77 -5.29 4.40
C GLU C 207 -11.85 -6.09 3.69
N GLY C 208 -12.66 -6.81 4.47
CA GLY C 208 -13.76 -7.61 3.93
C GLY C 208 -13.38 -8.58 2.83
N LYS C 209 -12.16 -9.11 2.89
CA LYS C 209 -11.68 -10.11 1.92
C LYS C 209 -11.01 -11.30 2.61
N LEU C 210 -11.40 -12.51 2.20
CA LEU C 210 -10.86 -13.74 2.82
C LEU C 210 -9.74 -14.35 1.99
N SER C 211 -8.62 -14.58 2.65
CA SER C 211 -7.50 -15.30 2.06
C SER C 211 -7.23 -16.64 2.77
N CYS C 212 -6.51 -17.51 2.09
CA CYS C 212 -6.23 -18.86 2.57
C CYS C 212 -4.83 -19.32 2.13
N GLN C 213 -4.03 -19.79 3.09
CA GLN C 213 -2.75 -20.43 2.77
C GLN C 213 -2.74 -21.90 3.14
N LEU C 214 -2.29 -22.72 2.20
CA LEU C 214 -2.07 -24.16 2.42
C LEU C 214 -0.60 -24.51 2.52
N TYR C 215 -0.27 -25.32 3.51
CA TYR C 215 1.03 -25.98 3.52
C TYR C 215 0.90 -27.44 3.06
N GLN C 216 1.41 -27.75 1.86
CA GLN C 216 1.41 -29.11 1.30
C GLN C 216 2.79 -29.74 1.41
N ARG C 217 2.91 -30.78 2.24
CA ARG C 217 4.20 -31.45 2.55
C ARG C 217 4.80 -32.19 1.37
N SER C 218 3.96 -32.55 0.40
CA SER C 218 4.36 -33.38 -0.74
C SER C 218 3.49 -33.12 -1.96
N ALA C 219 4.13 -32.74 -3.06
CA ALA C 219 3.41 -32.32 -4.26
C ALA C 219 3.89 -32.99 -5.54
N ASP C 220 2.96 -33.71 -6.16
CA ASP C 220 3.08 -34.10 -7.55
C ASP C 220 2.82 -32.83 -8.35
N VAL C 221 3.86 -32.33 -9.03
CA VAL C 221 3.81 -31.01 -9.69
C VAL C 221 2.99 -31.01 -10.98
N PHE C 222 3.17 -32.03 -11.83
CA PHE C 222 2.35 -32.10 -13.04
C PHE C 222 0.89 -32.51 -12.81
N LEU C 223 0.65 -33.64 -12.12
CA LEU C 223 -0.70 -34.17 -12.01
C LEU C 223 -1.47 -33.65 -10.81
N GLY C 224 -0.86 -33.73 -9.63
CA GLY C 224 -1.53 -33.31 -8.39
C GLY C 224 -1.79 -31.81 -8.26
N VAL C 225 -0.76 -30.99 -8.53
CA VAL C 225 -0.78 -29.56 -8.18
C VAL C 225 -1.92 -28.73 -8.84
N PRO C 226 -2.11 -28.87 -10.17
CA PRO C 226 -3.24 -28.17 -10.79
C PRO C 226 -4.57 -28.57 -10.12
N PHE C 227 -4.73 -29.87 -9.83
CA PHE C 227 -5.87 -30.35 -9.05
C PHE C 227 -5.94 -29.68 -7.68
N ASN C 228 -4.84 -29.68 -6.93
CA ASN C 228 -4.74 -29.02 -5.62
C ASN C 228 -5.13 -27.51 -5.54
N ILE C 229 -4.61 -26.69 -6.46
CA ILE C 229 -4.88 -25.23 -6.51
C ILE C 229 -6.37 -24.93 -6.68
N ALA C 230 -7.01 -25.64 -7.59
CA ALA C 230 -8.42 -25.42 -7.85
C ALA C 230 -9.28 -25.75 -6.63
N SER C 231 -9.00 -26.88 -5.98
CA SER C 231 -9.85 -27.28 -4.86
C SER C 231 -9.73 -26.27 -3.70
N TYR C 232 -8.50 -25.89 -3.34
CA TYR C 232 -8.35 -24.96 -2.23
C TYR C 232 -8.74 -23.53 -2.55
N ALA C 233 -8.82 -23.20 -3.84
CA ALA C 233 -9.36 -21.92 -4.24
C ALA C 233 -10.91 -21.99 -4.20
N LEU C 234 -11.46 -23.17 -4.43
CA LEU C 234 -12.90 -23.39 -4.28
C LEU C 234 -13.31 -23.29 -2.82
N LEU C 235 -12.58 -24.00 -1.98
CA LEU C 235 -12.70 -23.88 -0.52
C LEU C 235 -12.80 -22.43 -0.05
N THR C 236 -11.80 -21.63 -0.45
CA THR C 236 -11.78 -20.21 -0.16
C THR C 236 -13.07 -19.52 -0.59
N HIS C 237 -13.49 -19.74 -1.83
CA HIS C 237 -14.70 -19.12 -2.34
C HIS C 237 -15.91 -19.54 -1.51
N LEU C 238 -15.97 -20.81 -1.13
CA LEU C 238 -17.07 -21.36 -0.33
C LEU C 238 -17.11 -20.79 1.10
N ILE C 239 -15.97 -20.72 1.78
CA ILE C 239 -15.93 -20.09 3.11
C ILE C 239 -16.25 -18.59 3.01
N ALA C 240 -15.76 -17.92 1.97
CA ALA C 240 -16.03 -16.49 1.77
C ALA C 240 -17.54 -16.21 1.64
N HIS C 241 -18.21 -16.99 0.79
CA HIS C 241 -19.66 -16.91 0.60
C HIS C 241 -20.46 -17.19 1.88
N GLU C 242 -20.09 -18.27 2.58
CA GLU C 242 -20.68 -18.64 3.87
C GLU C 242 -20.56 -17.51 4.92
N THR C 243 -19.40 -16.85 4.97
CA THR C 243 -19.16 -15.78 5.94
C THR C 243 -19.53 -14.39 5.39
N GLY C 244 -20.02 -14.35 4.16
CA GLY C 244 -20.38 -13.10 3.51
C GLY C 244 -19.19 -12.17 3.28
N LEU C 245 -18.04 -12.75 2.93
CA LEU C 245 -16.87 -11.98 2.55
C LEU C 245 -16.54 -12.12 1.08
N GLU C 246 -15.76 -11.16 0.59
CA GLU C 246 -15.19 -11.20 -0.74
C GLU C 246 -13.98 -12.11 -0.72
N VAL C 247 -13.46 -12.41 -1.91
CA VAL C 247 -12.26 -13.22 -1.99
C VAL C 247 -11.01 -12.38 -2.17
N GLY C 248 -9.92 -12.84 -1.57
CA GLY C 248 -8.63 -12.22 -1.75
C GLY C 248 -7.71 -13.19 -2.44
N GLU C 249 -6.76 -13.76 -1.67
CA GLU C 249 -5.67 -14.56 -2.23
C GLU C 249 -5.71 -16.01 -1.78
N PHE C 250 -5.34 -16.91 -2.69
CA PHE C 250 -4.96 -18.26 -2.30
C PHE C 250 -3.44 -18.38 -2.35
N VAL C 251 -2.85 -18.79 -1.24
CA VAL C 251 -1.40 -18.90 -1.13
C VAL C 251 -1.04 -20.37 -0.98
N HIS C 252 -0.25 -20.85 -1.92
CA HIS C 252 0.08 -22.26 -1.98
C HIS C 252 1.55 -22.48 -1.65
N THR C 253 1.80 -23.08 -0.49
CA THR C 253 3.17 -23.35 -0.07
C THR C 253 3.48 -24.83 -0.15
N LEU C 254 4.64 -25.14 -0.72
CA LEU C 254 5.06 -26.53 -0.88
C LEU C 254 6.30 -26.88 -0.04
N GLY C 255 6.37 -28.15 0.35
CA GLY C 255 7.54 -28.74 1.00
C GLY C 255 8.30 -29.48 -0.07
N ASP C 256 8.12 -30.79 -0.15
CA ASP C 256 8.71 -31.54 -1.24
C ASP C 256 7.87 -31.42 -2.51
N ALA C 257 8.35 -30.63 -3.48
CA ALA C 257 7.68 -30.56 -4.79
C ALA C 257 8.47 -31.33 -5.86
N HIS C 258 7.80 -32.31 -6.47
CA HIS C 258 8.46 -33.26 -7.39
C HIS C 258 7.72 -33.45 -8.69
N LEU C 259 8.48 -33.49 -9.78
CA LEU C 259 7.98 -33.81 -11.10
C LEU C 259 8.44 -35.22 -11.40
N TYR C 260 7.50 -36.12 -11.70
CA TYR C 260 7.90 -37.50 -11.98
C TYR C 260 8.68 -37.55 -13.28
N GLN C 261 9.57 -38.53 -13.40
CA GLN C 261 10.48 -38.64 -14.54
C GLN C 261 9.73 -38.84 -15.86
N ASN C 262 8.59 -39.54 -15.79
CA ASN C 262 7.78 -39.72 -16.98
C ASN C 262 6.70 -38.65 -17.12
N HIS C 263 6.90 -37.53 -16.41
CA HIS C 263 6.09 -36.33 -16.59
C HIS C 263 6.91 -35.15 -17.18
N VAL C 264 8.14 -35.43 -17.65
CA VAL C 264 9.03 -34.42 -18.22
C VAL C 264 8.51 -33.91 -19.57
N GLU C 265 8.21 -34.87 -20.44
CA GLU C 265 7.76 -34.61 -21.82
C GLU C 265 6.46 -33.84 -21.80
N GLN C 266 5.57 -34.24 -20.89
CA GLN C 266 4.28 -33.60 -20.65
C GLN C 266 4.45 -32.17 -20.14
N MET C 267 5.38 -31.96 -19.21
CA MET C 267 5.63 -30.63 -18.66
C MET C 267 6.22 -29.70 -19.73
N GLN C 268 7.15 -30.22 -20.52
CA GLN C 268 7.76 -29.44 -21.59
C GLN C 268 6.68 -29.00 -22.56
N GLU C 269 5.91 -29.96 -23.04
CA GLU C 269 4.77 -29.68 -23.92
C GLU C 269 3.95 -28.49 -23.41
N GLN C 270 3.55 -28.54 -22.14
CA GLN C 270 2.79 -27.49 -21.49
C GLN C 270 3.49 -26.11 -21.57
N LEU C 271 4.79 -26.07 -21.30
CA LEU C 271 5.52 -24.79 -21.29
C LEU C 271 5.59 -24.12 -22.66
N SER C 272 5.26 -24.87 -23.70
CA SER C 272 5.28 -24.37 -25.08
C SER C 272 4.03 -23.57 -25.52
N ARG C 273 2.95 -23.64 -24.75
CA ARG C 273 1.68 -23.04 -25.20
C ARG C 273 1.16 -21.81 -24.45
N GLU C 274 0.48 -20.92 -25.18
CA GLU C 274 -0.01 -19.60 -24.69
C GLU C 274 -0.91 -19.67 -23.45
N VAL C 275 -0.65 -18.81 -22.48
CA VAL C 275 -1.51 -18.66 -21.32
C VAL C 275 -2.78 -17.88 -21.69
N ARG C 276 -3.93 -18.41 -21.30
CA ARG C 276 -5.18 -17.68 -21.49
C ARG C 276 -5.67 -17.16 -20.15
N SER C 277 -6.57 -16.19 -20.20
CA SER C 277 -7.24 -15.72 -19.00
C SER C 277 -7.97 -16.84 -18.27
N PHE C 278 -7.84 -16.84 -16.95
CA PHE C 278 -8.62 -17.74 -16.11
C PHE C 278 -10.12 -17.52 -16.34
N PRO C 279 -10.93 -18.52 -16.02
CA PRO C 279 -12.38 -18.38 -16.11
C PRO C 279 -12.95 -17.74 -14.85
N THR C 280 -14.28 -17.66 -14.78
CA THR C 280 -14.99 -17.06 -13.65
C THR C 280 -15.84 -18.10 -12.91
N LEU C 281 -15.58 -18.30 -11.63
CA LEU C 281 -16.45 -19.10 -10.78
C LEU C 281 -17.76 -18.39 -10.54
N VAL C 282 -18.86 -19.15 -10.63
CA VAL C 282 -20.17 -18.64 -10.27
C VAL C 282 -20.85 -19.55 -9.27
N LEU C 283 -21.18 -19.00 -8.11
CA LEU C 283 -21.86 -19.74 -7.07
C LEU C 283 -23.36 -19.39 -7.04
N ASN C 284 -24.19 -20.30 -6.53
CA ASN C 284 -25.63 -20.10 -6.51
C ASN C 284 -26.02 -19.19 -5.35
N PRO C 285 -26.53 -17.97 -5.65
CA PRO C 285 -26.90 -17.02 -4.59
C PRO C 285 -28.17 -17.39 -3.85
N ASP C 286 -28.96 -18.31 -4.41
CA ASP C 286 -30.29 -18.64 -3.90
C ASP C 286 -30.32 -19.60 -2.70
N LYS C 287 -29.21 -19.69 -1.99
CA LYS C 287 -29.13 -20.39 -0.70
C LYS C 287 -27.86 -19.93 0.03
N ALA C 288 -28.04 -19.55 1.29
CA ALA C 288 -26.98 -18.89 2.08
C ALA C 288 -25.86 -19.82 2.58
N SER C 289 -26.22 -20.88 3.29
CA SER C 289 -25.23 -21.82 3.83
C SER C 289 -24.65 -22.73 2.75
N VAL C 290 -23.34 -22.92 2.82
CA VAL C 290 -22.60 -23.65 1.81
C VAL C 290 -22.55 -25.15 2.14
N PHE C 291 -23.11 -25.50 3.29
CA PHE C 291 -23.28 -26.90 3.68
C PHE C 291 -24.46 -27.59 2.96
N ASP C 292 -25.25 -26.82 2.21
CA ASP C 292 -26.36 -27.35 1.41
C ASP C 292 -26.04 -27.34 -0.10
N PHE C 293 -24.81 -26.93 -0.43
CA PHE C 293 -24.33 -26.95 -1.82
C PHE C 293 -24.22 -28.38 -2.36
N ASP C 294 -24.65 -28.57 -3.60
CA ASP C 294 -24.34 -29.79 -4.36
C ASP C 294 -23.69 -29.38 -5.69
N MET C 295 -23.31 -30.37 -6.49
CA MET C 295 -22.73 -30.15 -7.82
C MET C 295 -23.28 -28.94 -8.57
N GLU C 296 -24.60 -28.85 -8.62
CA GLU C 296 -25.28 -27.90 -9.50
C GLU C 296 -25.13 -26.45 -9.05
N ASP C 297 -24.82 -26.27 -7.77
CA ASP C 297 -24.67 -24.95 -7.16
C ASP C 297 -23.33 -24.24 -7.46
N ILE C 298 -22.40 -24.96 -8.11
CA ILE C 298 -21.05 -24.45 -8.38
C ILE C 298 -20.69 -24.59 -9.86
N LYS C 299 -20.32 -23.48 -10.52
CA LYS C 299 -19.94 -23.54 -11.94
C LYS C 299 -18.84 -22.54 -12.37
N VAL C 300 -17.99 -22.95 -13.32
CA VAL C 300 -17.05 -22.03 -13.97
C VAL C 300 -17.62 -21.52 -15.30
N GLU C 301 -17.29 -20.28 -15.63
CA GLU C 301 -17.68 -19.67 -16.90
C GLU C 301 -16.47 -19.16 -17.65
N GLY C 302 -16.51 -19.25 -18.97
CA GLY C 302 -15.49 -18.65 -19.83
C GLY C 302 -14.26 -19.52 -19.96
N TYR C 303 -14.30 -20.70 -19.34
CA TYR C 303 -13.16 -21.63 -19.27
C TYR C 303 -12.82 -22.23 -20.62
N ASP C 304 -11.83 -21.64 -21.27
CA ASP C 304 -11.41 -22.03 -22.61
C ASP C 304 -9.93 -22.50 -22.59
N PRO C 305 -9.67 -23.73 -22.13
CA PRO C 305 -8.30 -24.18 -21.99
C PRO C 305 -7.70 -24.88 -23.22
N HIS C 306 -6.38 -25.02 -23.22
CA HIS C 306 -5.69 -25.90 -24.15
C HIS C 306 -6.09 -27.35 -23.82
N PRO C 307 -5.85 -28.30 -24.76
CA PRO C 307 -6.29 -29.67 -24.56
C PRO C 307 -5.61 -30.45 -23.41
N THR C 308 -6.39 -31.32 -22.78
CA THR C 308 -5.90 -32.33 -21.85
C THR C 308 -4.55 -32.90 -22.31
N ILE C 309 -3.59 -32.96 -21.38
CA ILE C 309 -2.31 -33.62 -21.62
C ILE C 309 -2.27 -34.90 -20.79
N LYS C 310 -2.15 -36.04 -21.48
CA LYS C 310 -2.16 -37.36 -20.83
C LYS C 310 -0.84 -37.74 -20.15
N ALA C 311 -0.93 -38.41 -19.00
CA ALA C 311 0.24 -38.88 -18.24
C ALA C 311 -0.07 -40.12 -17.38
N PRO C 312 0.96 -40.91 -17.05
CA PRO C 312 0.77 -42.00 -16.09
C PRO C 312 0.64 -41.52 -14.63
N ILE C 313 -0.37 -42.03 -13.93
CA ILE C 313 -0.59 -41.74 -12.50
C ILE C 313 0.65 -42.13 -11.68
N MET D 1 19.58 -14.74 3.21
CA MET D 1 20.57 -13.76 3.76
C MET D 1 19.82 -12.64 4.49
N GLU D 2 20.53 -11.89 5.35
CA GLU D 2 19.90 -10.85 6.19
C GLU D 2 18.98 -9.97 5.39
N GLU D 3 19.41 -9.60 4.19
CA GLU D 3 18.61 -8.75 3.29
C GLU D 3 17.18 -9.29 3.18
N ALA D 4 17.01 -10.60 3.07
CA ALA D 4 15.67 -11.19 2.99
C ALA D 4 14.79 -10.77 4.18
N TYR D 5 15.35 -10.87 5.38
CA TYR D 5 14.65 -10.42 6.58
C TYR D 5 14.32 -8.92 6.45
N LEU D 6 15.33 -8.13 6.10
CA LEU D 6 15.14 -6.67 5.96
C LEU D 6 14.10 -6.28 4.92
N ALA D 7 14.16 -6.87 3.72
CA ALA D 7 13.09 -6.68 2.72
C ALA D 7 11.68 -6.95 3.27
N LEU D 8 11.52 -7.99 4.10
CA LEU D 8 10.21 -8.22 4.74
C LEU D 8 9.76 -7.06 5.62
N GLY D 9 10.66 -6.55 6.46
CA GLY D 9 10.35 -5.44 7.36
C GLY D 9 10.01 -4.16 6.61
N LYS D 10 10.71 -3.93 5.50
CA LYS D 10 10.41 -2.80 4.66
C LYS D 10 9.07 -2.98 3.96
N LYS D 11 8.77 -4.19 3.50
CA LYS D 11 7.55 -4.38 2.73
C LYS D 11 6.29 -4.17 3.57
N ILE D 12 6.30 -4.67 4.81
CA ILE D 12 5.20 -4.42 5.72
C ILE D 12 5.02 -2.92 5.97
N LEU D 13 6.12 -2.20 6.19
CA LEU D 13 6.07 -0.76 6.41
C LEU D 13 5.37 -0.09 5.24
N GLU D 14 5.74 -0.48 4.02
CA GLU D 14 5.21 0.11 2.81
C GLU D 14 3.78 -0.30 2.46
N GLU D 15 3.40 -1.55 2.71
CA GLU D 15 2.18 -2.15 2.16
C GLU D 15 1.22 -2.73 3.21
N GLY D 16 1.76 -3.13 4.36
CA GLY D 16 1.00 -3.79 5.42
C GLY D 16 -0.18 -2.99 5.94
N HIS D 17 -1.38 -3.53 5.74
CA HIS D 17 -2.60 -2.86 6.17
C HIS D 17 -2.84 -3.00 7.69
N PHE D 18 -3.48 -1.98 8.29
CA PHE D 18 -3.71 -1.95 9.73
C PHE D 18 -4.70 -3.04 10.17
N LYS D 19 -4.37 -3.72 11.27
CA LYS D 19 -5.19 -4.78 11.81
C LYS D 19 -5.29 -4.65 13.31
N GLU D 20 -6.50 -4.74 13.83
CA GLU D 20 -6.69 -4.88 15.27
C GLU D 20 -6.19 -6.27 15.67
N ASP D 21 -5.63 -6.41 16.86
CA ASP D 21 -5.12 -7.72 17.29
C ASP D 21 -5.47 -8.04 18.73
N ARG D 22 -5.32 -9.33 19.07
CA ARG D 22 -5.66 -9.86 20.39
C ARG D 22 -5.10 -9.03 21.54
N THR D 23 -3.84 -8.61 21.38
CA THR D 23 -3.08 -7.95 22.44
C THR D 23 -3.56 -6.54 22.74
N GLY D 24 -4.21 -5.91 21.77
CA GLY D 24 -4.74 -4.55 21.93
C GLY D 24 -3.84 -3.52 21.26
N THR D 25 -2.55 -3.84 21.15
CA THR D 25 -1.53 -2.99 20.53
C THR D 25 -1.91 -2.40 19.17
N GLY D 26 -2.33 -3.25 18.24
CA GLY D 26 -2.51 -2.86 16.83
C GLY D 26 -1.28 -3.21 16.00
N THR D 27 -1.50 -3.67 14.77
CA THR D 27 -0.43 -4.18 13.89
C THR D 27 -0.58 -3.70 12.44
N TYR D 28 0.51 -3.75 11.69
CA TYR D 28 0.44 -3.67 10.24
C TYR D 28 0.85 -5.03 9.78
N SER D 29 0.11 -5.60 8.82
CA SER D 29 0.38 -6.98 8.44
C SER D 29 0.18 -7.37 6.97
N LEU D 30 0.88 -8.43 6.56
CA LEU D 30 0.63 -9.09 5.28
C LEU D 30 0.48 -10.61 5.49
N PHE D 31 0.05 -11.32 4.45
CA PHE D 31 -0.28 -12.74 4.57
C PHE D 31 0.41 -13.54 3.48
N GLY D 32 1.15 -14.56 3.92
CA GLY D 32 1.94 -15.40 3.01
C GLY D 32 3.24 -14.74 2.61
N TYR D 33 4.35 -15.34 3.01
CA TYR D 33 5.69 -14.85 2.69
C TYR D 33 6.69 -15.95 2.89
N GLN D 34 7.76 -15.95 2.08
CA GLN D 34 8.83 -16.94 2.19
C GLN D 34 10.24 -16.36 1.96
N MET D 35 11.07 -16.43 3.00
CA MET D 35 12.47 -16.10 2.89
C MET D 35 13.34 -17.32 3.15
N ARG D 36 14.52 -17.33 2.53
CA ARG D 36 15.43 -18.46 2.57
C ARG D 36 16.77 -18.02 3.17
N PHE D 37 17.44 -18.94 3.86
CA PHE D 37 18.76 -18.66 4.40
C PHE D 37 19.66 -19.85 4.10
N ASP D 38 20.66 -19.65 3.24
CA ASP D 38 21.68 -20.70 3.04
C ASP D 38 22.57 -20.77 4.28
N LEU D 39 22.47 -21.89 5.00
CA LEU D 39 23.19 -22.04 6.26
C LEU D 39 24.70 -22.22 6.04
N ALA D 40 25.09 -22.53 4.82
CA ALA D 40 26.52 -22.63 4.49
C ALA D 40 27.20 -21.25 4.54
N LYS D 41 26.40 -20.19 4.43
CA LYS D 41 26.94 -18.84 4.38
C LYS D 41 26.91 -18.10 5.74
N GLY D 42 26.89 -18.86 6.83
CA GLY D 42 26.99 -18.29 8.17
C GLY D 42 25.71 -18.53 8.94
N PHE D 43 25.86 -18.52 10.26
CA PHE D 43 24.72 -18.74 11.13
C PHE D 43 23.88 -17.47 11.14
N PRO D 44 22.57 -17.59 10.82
CA PRO D 44 21.68 -16.42 10.61
C PRO D 44 21.24 -15.70 11.88
N LEU D 45 22.22 -15.22 12.66
CA LEU D 45 22.00 -14.29 13.76
C LEU D 45 22.21 -12.87 13.24
N LEU D 46 21.16 -12.06 13.37
CA LEU D 46 21.11 -10.75 12.70
C LEU D 46 22.21 -9.84 13.14
N THR D 47 22.72 -9.08 12.19
CA THR D 47 23.81 -8.16 12.49
C THR D 47 23.31 -6.71 12.59
N THR D 48 22.16 -6.39 11.99
CA THR D 48 21.71 -4.98 11.98
C THR D 48 21.18 -4.46 13.33
N LYS D 49 20.96 -5.39 14.24
CA LYS D 49 20.80 -5.12 15.67
C LYS D 49 21.38 -6.32 16.42
N ARG D 50 21.80 -6.10 17.67
CA ARG D 50 22.26 -7.21 18.52
C ARG D 50 21.11 -8.14 18.92
N VAL D 51 21.27 -9.42 18.63
CA VAL D 51 20.34 -10.45 19.07
C VAL D 51 21.08 -11.35 20.08
N PRO D 52 20.52 -11.50 21.31
CA PRO D 52 21.11 -12.34 22.38
C PRO D 52 20.93 -13.83 22.11
N PHE D 53 22.05 -14.48 21.85
CA PHE D 53 22.07 -15.87 21.42
C PHE D 53 21.91 -16.81 22.61
N GLY D 54 22.32 -16.34 23.79
CA GLY D 54 22.14 -17.05 25.05
C GLY D 54 20.67 -17.27 25.33
N LEU D 55 19.82 -16.29 25.00
CA LEU D 55 18.36 -16.45 25.08
C LEU D 55 17.82 -17.45 24.05
N ILE D 56 18.26 -17.35 22.80
CA ILE D 56 17.87 -18.32 21.77
C ILE D 56 18.33 -19.72 22.15
N LYS D 57 19.54 -19.82 22.68
CA LYS D 57 20.15 -21.09 23.05
C LYS D 57 19.37 -21.81 24.14
N SER D 58 19.08 -21.13 25.24
CA SER D 58 18.41 -21.78 26.37
C SER D 58 16.93 -22.01 26.14
N GLU D 59 16.31 -21.18 25.28
CA GLU D 59 14.92 -21.42 24.84
C GLU D 59 14.79 -22.73 24.05
N LEU D 60 15.72 -22.96 23.11
CA LEU D 60 15.72 -24.19 22.31
C LEU D 60 15.93 -25.47 23.15
N LEU D 61 16.88 -25.42 24.10
CA LEU D 61 17.19 -26.56 24.97
C LEU D 61 16.00 -26.91 25.84
N TRP D 62 15.30 -25.88 26.32
CA TRP D 62 14.08 -26.00 27.11
C TRP D 62 13.04 -26.74 26.28
N PHE D 63 12.84 -26.32 25.04
CA PHE D 63 11.93 -27.01 24.12
C PHE D 63 12.35 -28.47 23.92
N LEU D 64 13.67 -28.69 23.81
CA LEU D 64 14.23 -30.00 23.53
C LEU D 64 14.17 -30.98 24.70
N LYS D 65 14.22 -30.48 25.93
CA LYS D 65 14.09 -31.35 27.10
C LYS D 65 12.60 -31.58 27.51
N GLY D 66 11.68 -31.15 26.65
CA GLY D 66 10.24 -31.32 26.89
C GLY D 66 9.63 -30.53 28.02
N ASP D 67 10.34 -29.50 28.49
CA ASP D 67 9.89 -28.73 29.64
C ASP D 67 9.01 -27.56 29.18
N THR D 68 7.88 -27.40 29.85
CA THR D 68 6.97 -26.28 29.60
C THR D 68 6.76 -25.41 30.84
N ASN D 69 7.67 -25.53 31.81
CA ASN D 69 7.70 -24.67 32.99
C ASN D 69 8.86 -23.66 32.88
N ILE D 70 8.62 -22.44 33.31
CA ILE D 70 9.60 -21.39 33.11
C ILE D 70 10.78 -21.42 34.08
N ARG D 71 10.71 -22.23 35.13
CA ARG D 71 11.80 -22.28 36.12
C ARG D 71 13.20 -22.48 35.51
N TYR D 72 13.33 -23.50 34.66
CA TYR D 72 14.57 -23.73 33.92
C TYR D 72 15.10 -22.44 33.29
N LEU D 73 14.20 -21.65 32.68
CA LEU D 73 14.57 -20.39 32.02
C LEU D 73 15.04 -19.26 32.96
N LEU D 74 14.33 -19.07 34.07
CA LEU D 74 14.72 -18.07 35.07
C LEU D 74 16.09 -18.41 35.65
N GLU D 75 16.33 -19.70 35.93
CA GLU D 75 17.63 -20.18 36.42
C GLU D 75 18.80 -19.82 35.49
N ARG D 76 18.50 -19.53 34.22
CA ARG D 76 19.51 -19.12 33.24
C ARG D 76 19.31 -17.69 32.77
N ASN D 77 18.48 -16.95 33.49
CA ASN D 77 18.26 -15.53 33.21
C ASN D 77 17.61 -15.21 31.88
N ASN D 78 16.73 -16.10 31.42
CA ASN D 78 15.95 -15.91 30.22
C ASN D 78 14.52 -15.56 30.68
N HIS D 79 14.11 -14.31 30.45
CA HIS D 79 12.81 -13.85 30.94
C HIS D 79 11.77 -13.68 29.83
N ILE D 80 12.04 -14.24 28.65
CA ILE D 80 11.14 -13.98 27.50
C ILE D 80 9.80 -14.67 27.54
N TRP D 81 9.62 -15.61 28.47
CA TRP D 81 8.32 -16.26 28.63
C TRP D 81 7.57 -15.82 29.89
N ASP D 82 8.15 -14.91 30.68
CA ASP D 82 7.57 -14.45 31.95
C ASP D 82 6.12 -13.95 31.89
N GLU D 83 5.82 -13.03 30.97
CA GLU D 83 4.54 -12.33 30.96
C GLU D 83 3.33 -13.26 30.94
N TRP D 84 3.38 -14.30 30.09
CA TRP D 84 2.24 -15.20 29.98
C TRP D 84 2.03 -15.98 31.28
N ALA D 85 3.11 -16.51 31.83
CA ALA D 85 3.10 -17.10 33.17
C ALA D 85 2.56 -16.11 34.22
N PHE D 86 3.07 -14.88 34.18
CA PHE D 86 2.69 -13.84 35.13
C PHE D 86 1.21 -13.47 35.00
N GLU D 87 0.72 -13.40 33.76
CA GLU D 87 -0.68 -13.07 33.45
C GLU D 87 -1.66 -14.09 34.03
N ARG D 88 -1.29 -15.36 34.00
CA ARG D 88 -2.10 -16.40 34.63
C ARG D 88 -2.13 -16.21 36.14
N TYR D 89 -0.97 -15.93 36.73
CA TYR D 89 -0.90 -15.63 38.16
C TYR D 89 -1.80 -14.47 38.57
N VAL D 90 -1.66 -13.32 37.93
CA VAL D 90 -2.46 -12.16 38.34
C VAL D 90 -3.97 -12.42 38.20
N LYS D 91 -4.34 -13.37 37.34
CA LYS D 91 -5.76 -13.73 37.18
C LYS D 91 -6.25 -14.72 38.23
N SER D 92 -5.32 -15.43 38.86
CA SER D 92 -5.66 -16.43 39.87
C SER D 92 -6.23 -15.80 41.14
N ALA D 93 -6.74 -16.64 42.05
CA ALA D 93 -7.30 -16.19 43.32
C ALA D 93 -6.21 -16.08 44.38
N ASP D 94 -5.03 -16.54 44.05
CA ASP D 94 -3.89 -16.49 44.97
C ASP D 94 -3.16 -15.15 44.95
N TYR D 95 -3.44 -14.33 43.94
CA TYR D 95 -2.82 -13.02 43.81
C TYR D 95 -3.54 -11.95 44.62
N GLN D 96 -2.76 -11.23 45.43
CA GLN D 96 -3.28 -10.14 46.26
C GLN D 96 -2.54 -8.84 45.94
N GLY D 97 -3.12 -7.73 46.38
CA GLY D 97 -2.47 -6.44 46.22
C GLY D 97 -2.86 -5.76 44.93
N PRO D 98 -1.90 -5.03 44.31
CA PRO D 98 -2.15 -4.07 43.23
C PRO D 98 -2.66 -4.71 41.94
N ASP D 99 -3.82 -4.24 41.50
CA ASP D 99 -4.51 -4.74 40.31
C ASP D 99 -3.61 -4.68 39.09
N MET D 100 -3.40 -5.83 38.45
CA MET D 100 -2.49 -5.92 37.31
C MET D 100 -3.21 -6.10 35.96
N THR D 101 -4.48 -5.71 35.91
CA THR D 101 -5.25 -5.77 34.66
C THR D 101 -4.66 -4.79 33.65
N ASP D 102 -4.37 -5.31 32.46
CA ASP D 102 -3.94 -4.51 31.31
C ASP D 102 -2.46 -4.06 31.36
N PHE D 103 -1.61 -4.80 32.06
CA PHE D 103 -0.23 -4.38 32.31
C PHE D 103 0.63 -4.19 31.06
N GLY D 104 0.32 -4.90 29.99
CA GLY D 104 1.11 -4.85 28.76
C GLY D 104 1.23 -3.47 28.16
N HIS D 105 0.19 -2.66 28.34
CA HIS D 105 0.13 -1.27 27.86
C HIS D 105 0.42 -0.24 28.95
N ARG D 106 -0.11 -0.46 30.14
CA ARG D 106 -0.03 0.51 31.25
C ARG D 106 1.40 0.87 31.69
N VAL D 107 2.35 -0.07 31.60
CA VAL D 107 3.76 0.20 31.92
C VAL D 107 4.40 1.26 31.03
N LEU D 108 3.72 1.59 29.94
CA LEU D 108 4.21 2.60 28.99
C LEU D 108 3.66 3.99 29.31
N GLN D 109 2.41 4.04 29.78
CA GLN D 109 1.68 5.30 29.99
C GLN D 109 1.76 5.87 31.41
N ASP D 110 2.01 4.98 32.37
CA ASP D 110 1.97 5.31 33.80
C ASP D 110 3.28 4.84 34.47
N PRO D 111 4.11 5.79 34.93
CA PRO D 111 5.41 5.37 35.49
C PRO D 111 5.32 4.90 36.94
N ALA D 112 4.20 5.19 37.59
CA ALA D 112 3.95 4.73 38.96
C ALA D 112 3.44 3.30 38.96
N PHE D 113 2.65 2.95 37.94
CA PHE D 113 2.20 1.58 37.72
C PHE D 113 3.36 0.68 37.29
N ALA D 114 4.27 1.22 36.47
CA ALA D 114 5.42 0.47 35.97
C ALA D 114 6.39 0.00 37.06
N GLU D 115 6.59 0.80 38.10
CA GLU D 115 7.41 0.34 39.24
C GLU D 115 6.63 -0.67 40.10
N GLN D 116 5.33 -0.44 40.27
CA GLN D 116 4.45 -1.41 40.92
C GLN D 116 4.52 -2.75 40.18
N TYR D 117 4.40 -2.70 38.85
CA TYR D 117 4.53 -3.90 38.03
C TYR D 117 5.89 -4.57 38.22
N LYS D 118 6.96 -3.80 38.12
CA LYS D 118 8.32 -4.35 38.30
C LYS D 118 8.53 -4.89 39.70
N GLU D 119 7.72 -4.42 40.65
CA GLU D 119 7.73 -4.96 42.01
C GLU D 119 7.08 -6.34 42.06
N GLU D 120 5.87 -6.45 41.50
CA GLU D 120 5.16 -7.73 41.40
C GLU D 120 5.94 -8.78 40.60
N HIS D 121 6.45 -8.38 39.44
CA HIS D 121 7.23 -9.27 38.57
C HIS D 121 8.45 -9.84 39.30
N GLN D 122 9.10 -8.99 40.09
CA GLN D 122 10.24 -9.36 40.93
C GLN D 122 9.85 -10.39 41.97
N LYS D 123 8.78 -10.13 42.72
CA LYS D 123 8.24 -11.07 43.70
C LYS D 123 7.81 -12.39 43.07
N PHE D 124 7.32 -12.30 41.83
CA PHE D 124 6.90 -13.46 41.04
C PHE D 124 8.09 -14.33 40.67
N CYS D 125 9.14 -13.75 40.09
CA CYS D 125 10.31 -14.53 39.71
C CYS D 125 10.96 -15.23 40.90
N ASP D 126 11.10 -14.51 42.03
CA ASP D 126 11.68 -15.05 43.27
C ASP D 126 10.93 -16.29 43.74
N ALA D 127 9.60 -16.17 43.86
CA ALA D 127 8.75 -17.24 44.33
C ALA D 127 8.88 -18.51 43.49
N ILE D 128 8.87 -18.34 42.16
CA ILE D 128 9.06 -19.44 41.22
C ILE D 128 10.42 -20.12 41.43
N LEU D 129 11.45 -19.32 41.72
CA LEU D 129 12.80 -19.86 41.87
C LEU D 129 13.03 -20.57 43.19
N ASN D 130 12.34 -20.10 44.23
CA ASN D 130 12.66 -20.55 45.59
C ASN D 130 11.53 -21.25 46.34
N ASP D 131 10.40 -21.39 45.68
CA ASP D 131 9.28 -22.12 46.27
C ASP D 131 8.71 -23.09 45.23
N ALA D 132 9.09 -24.35 45.37
CA ALA D 132 8.74 -25.40 44.40
C ALA D 132 7.23 -25.56 44.20
N GLU D 133 6.47 -25.45 45.28
CA GLU D 133 5.02 -25.55 45.22
C GLU D 133 4.42 -24.41 44.38
N PHE D 134 4.94 -23.20 44.57
CA PHE D 134 4.51 -22.07 43.74
C PHE D 134 4.93 -22.27 42.30
N ALA D 135 6.17 -22.73 42.11
CA ALA D 135 6.73 -22.92 40.76
C ALA D 135 5.90 -23.89 39.93
N GLU D 136 5.57 -25.06 40.52
CA GLU D 136 4.80 -26.07 39.81
C GLU D 136 3.39 -25.61 39.42
N LYS D 137 2.75 -24.77 40.23
CA LYS D 137 1.42 -24.29 39.85
C LYS D 137 1.49 -23.11 38.87
N TYR D 138 2.27 -22.09 39.19
CA TYR D 138 2.28 -20.85 38.40
C TYR D 138 3.40 -20.67 37.35
N GLY D 139 4.39 -21.55 37.35
CA GLY D 139 5.39 -21.56 36.30
C GLY D 139 4.95 -22.26 35.03
N GLU D 140 3.77 -22.90 35.07
CA GLU D 140 3.26 -23.74 33.97
C GLU D 140 2.56 -22.94 32.88
N LEU D 141 2.78 -23.32 31.62
CA LEU D 141 2.23 -22.59 30.46
C LEU D 141 1.32 -23.47 29.58
N GLY D 142 1.15 -24.72 30.01
CA GLY D 142 0.35 -25.69 29.27
C GLY D 142 1.21 -26.56 28.37
N ASN D 143 0.54 -27.34 27.53
CA ASN D 143 1.23 -28.17 26.55
C ASN D 143 1.65 -27.36 25.33
N ILE D 144 2.56 -26.41 25.56
CA ILE D 144 3.20 -25.66 24.50
C ILE D 144 4.31 -26.52 23.82
N TYR D 145 5.23 -25.86 23.10
CA TYR D 145 6.15 -26.53 22.17
C TYR D 145 6.82 -27.79 22.70
N GLY D 146 7.48 -27.65 23.85
CA GLY D 146 8.21 -28.76 24.47
C GLY D 146 7.38 -30.01 24.67
N ALA D 147 6.16 -29.83 25.16
CA ALA D 147 5.28 -30.97 25.41
C ALA D 147 4.92 -31.70 24.12
N GLN D 148 4.65 -30.95 23.04
CA GLN D 148 4.24 -31.55 21.77
C GLN D 148 5.37 -32.26 20.98
N TRP D 149 6.60 -31.75 21.10
CA TRP D 149 7.78 -32.31 20.40
C TRP D 149 8.20 -33.65 20.98
N ARG D 150 8.16 -33.72 22.31
CA ARG D 150 8.69 -34.86 23.05
C ARG D 150 7.61 -35.75 23.66
N HIS D 151 6.38 -35.27 23.75
CA HIS D 151 5.37 -35.90 24.61
C HIS D 151 3.95 -35.54 24.16
N TRP D 152 3.67 -35.71 22.87
CA TRP D 152 2.32 -35.58 22.31
C TRP D 152 1.47 -36.72 22.84
N GLU D 153 0.40 -36.39 23.56
CA GLU D 153 -0.38 -37.42 24.27
C GLU D 153 -1.26 -38.24 23.36
N THR D 154 -1.32 -39.54 23.62
CA THR D 154 -2.17 -40.44 22.84
C THR D 154 -3.52 -40.65 23.51
N LYS D 155 -4.48 -41.13 22.72
CA LYS D 155 -5.80 -41.51 23.21
C LYS D 155 -5.81 -42.70 24.17
N ASP D 156 -4.71 -43.45 24.25
CA ASP D 156 -4.72 -44.68 25.05
C ASP D 156 -3.72 -44.70 26.20
N GLY D 157 -3.43 -43.54 26.80
CA GLY D 157 -2.54 -43.45 27.95
C GLY D 157 -1.06 -43.58 27.61
N SER D 158 -0.64 -42.93 26.52
CA SER D 158 0.78 -42.90 26.16
C SER D 158 1.12 -41.59 25.48
N PHE D 159 2.36 -41.49 25.00
CA PHE D 159 2.87 -40.27 24.36
C PHE D 159 3.73 -40.58 23.12
N ILE D 160 3.77 -39.66 22.17
CA ILE D 160 4.57 -39.80 20.96
C ILE D 160 5.71 -38.80 21.00
N ASP D 161 6.93 -39.31 21.03
CA ASP D 161 8.14 -38.49 21.04
C ASP D 161 8.39 -38.04 19.62
N GLN D 162 7.59 -37.07 19.18
CA GLN D 162 7.54 -36.65 17.79
C GLN D 162 8.90 -36.28 17.21
N LEU D 163 9.68 -35.50 17.96
CA LEU D 163 10.93 -34.97 17.46
C LEU D 163 11.98 -36.07 17.32
N ALA D 164 12.11 -36.91 18.34
CA ALA D 164 13.09 -38.00 18.29
C ALA D 164 12.80 -38.88 17.09
N ASN D 165 11.53 -39.17 16.87
CA ASN D 165 11.08 -40.00 15.75
C ASN D 165 11.55 -39.49 14.39
N VAL D 166 11.40 -38.19 14.15
CA VAL D 166 11.80 -37.60 12.85
C VAL D 166 13.32 -37.64 12.64
N ILE D 167 14.07 -37.43 13.72
CA ILE D 167 15.52 -37.46 13.67
C ILE D 167 15.99 -38.85 13.22
N GLU D 168 15.40 -39.89 13.81
CA GLU D 168 15.69 -41.28 13.42
C GLU D 168 15.23 -41.60 11.99
N MET D 169 14.14 -40.99 11.56
CA MET D 169 13.71 -41.12 10.15
C MET D 169 14.73 -40.55 9.14
N ILE D 170 15.33 -39.41 9.45
CA ILE D 170 16.40 -38.81 8.61
C ILE D 170 17.61 -39.77 8.40
N LYS D 171 17.94 -40.56 9.42
CA LYS D 171 19.04 -41.52 9.39
C LYS D 171 18.83 -42.69 8.44
N THR D 172 17.71 -43.40 8.58
CA THR D 172 17.43 -44.59 7.78
C THR D 172 16.53 -44.40 6.56
N ASN D 173 15.92 -43.22 6.44
CA ASN D 173 14.91 -42.99 5.41
C ASN D 173 14.91 -41.50 5.03
N PRO D 174 16.05 -41.01 4.47
CA PRO D 174 16.26 -39.59 4.22
C PRO D 174 15.43 -38.99 3.08
N ASP D 175 14.86 -39.85 2.24
CA ASP D 175 14.04 -39.38 1.13
C ASP D 175 12.55 -39.29 1.47
N SER D 176 12.22 -39.61 2.72
CA SER D 176 10.83 -39.56 3.17
C SER D 176 10.25 -38.18 2.96
N ARG D 177 9.07 -38.13 2.38
CA ARG D 177 8.33 -36.87 2.26
C ARG D 177 7.47 -36.60 3.49
N ARG D 178 7.81 -37.20 4.63
CA ARG D 178 7.00 -37.00 5.84
C ARG D 178 7.79 -36.77 7.15
N LEU D 179 9.00 -36.22 7.02
CA LEU D 179 9.83 -35.83 8.16
C LEU D 179 9.22 -34.57 8.81
N ILE D 180 8.10 -34.74 9.52
CA ILE D 180 7.28 -33.63 10.05
C ILE D 180 7.18 -33.62 11.58
N VAL D 181 7.36 -32.44 12.16
CA VAL D 181 6.99 -32.20 13.55
C VAL D 181 5.92 -31.09 13.60
N SER D 182 4.82 -31.39 14.30
CA SER D 182 3.75 -30.42 14.43
C SER D 182 3.48 -30.13 15.89
N ALA D 183 3.35 -28.86 16.20
CA ALA D 183 3.05 -28.46 17.55
C ALA D 183 1.55 -28.14 17.70
N TRP D 184 0.83 -28.12 16.59
CA TRP D 184 -0.57 -27.77 16.64
C TRP D 184 -1.45 -28.98 16.99
N ASN D 185 -1.64 -29.18 18.30
CA ASN D 185 -2.47 -30.25 18.83
C ASN D 185 -3.82 -29.67 19.19
N PRO D 186 -4.84 -29.89 18.34
CA PRO D 186 -6.15 -29.25 18.47
C PRO D 186 -6.75 -29.40 19.86
N GLU D 187 -6.47 -30.52 20.53
CA GLU D 187 -7.06 -30.78 21.83
C GLU D 187 -6.52 -29.82 22.87
N ASP D 188 -5.21 -29.64 22.86
CA ASP D 188 -4.49 -28.95 23.92
C ASP D 188 -4.44 -27.42 23.76
N VAL D 189 -4.81 -26.93 22.57
CA VAL D 189 -4.71 -25.49 22.26
C VAL D 189 -5.46 -24.55 23.23
N PRO D 190 -6.70 -24.90 23.65
CA PRO D 190 -7.45 -24.01 24.55
C PRO D 190 -6.89 -23.85 25.98
N SER D 191 -5.92 -24.67 26.38
CA SER D 191 -5.31 -24.51 27.70
C SER D 191 -3.82 -24.15 27.64
N MET D 192 -3.30 -23.98 26.42
CA MET D 192 -1.95 -23.43 26.22
C MET D 192 -1.95 -21.96 26.64
N ALA D 193 -0.82 -21.48 27.14
CA ALA D 193 -0.72 -20.05 27.46
C ALA D 193 -0.96 -19.26 26.18
N LEU D 194 -0.40 -19.75 25.08
CA LEU D 194 -0.59 -19.19 23.74
C LEU D 194 -0.44 -20.39 22.81
N PRO D 195 -1.26 -20.47 21.73
CA PRO D 195 -1.09 -21.54 20.73
C PRO D 195 0.22 -21.36 19.95
N PRO D 196 0.80 -22.45 19.40
CA PRO D 196 2.14 -22.37 18.80
C PRO D 196 2.30 -21.39 17.62
N CYS D 197 3.04 -20.32 17.85
CA CYS D 197 3.40 -19.36 16.78
C CYS D 197 4.14 -20.04 15.60
N HIS D 198 5.26 -20.70 15.86
CA HIS D 198 5.91 -21.54 14.86
C HIS D 198 5.26 -22.93 14.91
N THR D 199 4.40 -23.18 13.93
CA THR D 199 3.32 -24.16 14.05
C THR D 199 3.74 -25.61 13.78
N MET D 200 4.49 -25.82 12.71
CA MET D 200 4.99 -27.14 12.32
C MET D 200 6.17 -26.99 11.38
N PHE D 201 7.07 -27.96 11.39
CA PHE D 201 8.21 -27.90 10.49
C PHE D 201 8.45 -29.19 9.74
N GLN D 202 9.08 -29.07 8.58
CA GLN D 202 9.45 -30.21 7.73
C GLN D 202 10.95 -30.22 7.39
N PHE D 203 11.52 -31.42 7.28
CA PHE D 203 12.90 -31.59 6.84
C PHE D 203 13.01 -32.26 5.46
N TYR D 204 14.11 -31.97 4.78
CA TYR D 204 14.39 -32.55 3.46
C TYR D 204 15.90 -32.83 3.33
N VAL D 205 16.24 -33.87 2.57
CA VAL D 205 17.63 -34.26 2.41
C VAL D 205 17.98 -34.46 0.94
N ASN D 206 19.13 -33.93 0.56
CA ASN D 206 19.58 -34.02 -0.81
C ASN D 206 21.09 -33.84 -0.92
N GLU D 207 21.71 -34.73 -1.68
CA GLU D 207 23.17 -34.92 -1.75
C GLU D 207 23.94 -34.56 -0.45
N GLY D 208 23.55 -35.18 0.67
CA GLY D 208 24.27 -35.05 1.93
C GLY D 208 23.98 -33.84 2.81
N LYS D 209 23.07 -32.98 2.34
CA LYS D 209 22.73 -31.71 2.99
C LYS D 209 21.33 -31.76 3.61
N LEU D 210 21.21 -31.30 4.85
CA LEU D 210 19.91 -31.23 5.52
C LEU D 210 19.26 -29.84 5.47
N SER D 211 18.01 -29.78 5.02
CA SER D 211 17.25 -28.56 4.95
C SER D 211 15.98 -28.63 5.79
N CYS D 212 15.53 -27.47 6.25
CA CYS D 212 14.37 -27.41 7.11
C CYS D 212 13.47 -26.29 6.69
N GLN D 213 12.16 -26.58 6.56
CA GLN D 213 11.14 -25.54 6.35
C GLN D 213 10.16 -25.46 7.51
N LEU D 214 9.88 -24.23 7.92
CA LEU D 214 8.99 -23.96 9.04
C LEU D 214 7.80 -23.10 8.61
N TYR D 215 6.62 -23.58 8.91
CA TYR D 215 5.44 -22.77 8.65
C TYR D 215 5.10 -22.07 9.96
N GLN D 216 5.10 -20.73 9.91
CA GLN D 216 4.80 -19.87 11.06
C GLN D 216 3.49 -19.06 10.91
N ARG D 217 2.42 -19.54 11.58
CA ARG D 217 1.08 -18.92 11.54
C ARG D 217 1.01 -17.46 12.03
N SER D 218 2.01 -17.00 12.77
CA SER D 218 1.96 -15.70 13.44
C SER D 218 3.37 -15.23 13.76
N ALA D 219 3.75 -14.12 13.14
CA ALA D 219 5.13 -13.63 13.22
C ALA D 219 5.25 -12.14 13.59
N ASP D 220 5.77 -11.93 14.79
CA ASP D 220 6.19 -10.64 15.30
C ASP D 220 7.53 -10.36 14.60
N VAL D 221 7.44 -9.68 13.46
CA VAL D 221 8.57 -9.40 12.60
C VAL D 221 9.77 -8.77 13.33
N PHE D 222 9.54 -7.73 14.13
CA PHE D 222 10.68 -7.08 14.80
C PHE D 222 11.33 -7.78 16.02
N LEU D 223 10.52 -8.30 16.94
CA LEU D 223 11.08 -8.97 18.15
C LEU D 223 11.20 -10.49 18.01
N GLY D 224 10.15 -11.12 17.49
CA GLY D 224 10.06 -12.57 17.43
C GLY D 224 10.90 -13.21 16.35
N VAL D 225 10.60 -12.87 15.09
CA VAL D 225 11.28 -13.47 13.91
C VAL D 225 12.80 -13.59 14.01
N PRO D 226 13.51 -12.57 14.55
CA PRO D 226 14.97 -12.77 14.70
C PRO D 226 15.31 -13.92 15.65
N PHE D 227 14.47 -14.16 16.66
CA PHE D 227 14.64 -15.31 17.55
C PHE D 227 14.33 -16.64 16.85
N ASN D 228 13.14 -16.73 16.25
CA ASN D 228 12.71 -17.89 15.48
C ASN D 228 13.67 -18.37 14.38
N ILE D 229 14.12 -17.46 13.52
CA ILE D 229 15.14 -17.80 12.49
C ILE D 229 16.36 -18.51 13.09
N ALA D 230 16.94 -17.89 14.13
CA ALA D 230 18.11 -18.42 14.82
C ALA D 230 17.79 -19.72 15.53
N SER D 231 16.57 -19.83 16.04
CA SER D 231 16.16 -21.04 16.77
C SER D 231 16.12 -22.25 15.85
N TYR D 232 15.41 -22.13 14.73
CA TYR D 232 15.30 -23.20 13.74
C TYR D 232 16.62 -23.48 13.00
N ALA D 233 17.39 -22.42 12.73
CA ALA D 233 18.70 -22.59 12.14
C ALA D 233 19.59 -23.48 13.04
N LEU D 234 19.59 -23.17 14.34
CA LEU D 234 20.31 -23.93 15.34
C LEU D 234 19.85 -25.40 15.40
N LEU D 235 18.53 -25.60 15.35
CA LEU D 235 17.93 -26.92 15.42
C LEU D 235 18.39 -27.78 14.24
N THR D 236 18.50 -27.15 13.08
CA THR D 236 18.92 -27.80 11.86
C THR D 236 20.39 -28.25 11.95
N HIS D 237 21.24 -27.40 12.52
CA HIS D 237 22.66 -27.72 12.70
C HIS D 237 22.82 -28.86 13.71
N LEU D 238 21.97 -28.88 14.73
CA LEU D 238 22.07 -29.93 15.75
C LEU D 238 21.68 -31.28 15.16
N ILE D 239 20.60 -31.28 14.37
CA ILE D 239 20.14 -32.49 13.72
C ILE D 239 21.15 -32.97 12.69
N ALA D 240 21.68 -32.03 11.91
CA ALA D 240 22.77 -32.31 10.98
C ALA D 240 24.00 -32.92 11.66
N HIS D 241 24.38 -32.40 12.83
CA HIS D 241 25.45 -32.98 13.66
C HIS D 241 25.17 -34.43 14.08
N GLU D 242 24.02 -34.67 14.69
CA GLU D 242 23.65 -36.02 15.12
C GLU D 242 23.54 -37.04 13.96
N THR D 243 23.07 -36.59 12.79
CA THR D 243 22.87 -37.48 11.62
C THR D 243 24.08 -37.56 10.68
N GLY D 244 25.15 -36.79 10.95
CA GLY D 244 26.33 -36.78 10.08
C GLY D 244 26.06 -36.23 8.69
N LEU D 245 25.27 -35.17 8.61
CA LEU D 245 25.00 -34.49 7.36
C LEU D 245 25.54 -33.07 7.39
N GLU D 246 25.65 -32.47 6.22
CA GLU D 246 26.04 -31.09 6.11
C GLU D 246 24.76 -30.28 6.08
N VAL D 247 24.92 -28.99 6.33
CA VAL D 247 23.83 -28.12 6.64
C VAL D 247 23.35 -27.52 5.31
N GLY D 248 22.04 -27.49 5.08
CA GLY D 248 21.47 -27.02 3.80
C GLY D 248 20.85 -25.61 3.84
N GLU D 249 19.60 -25.50 3.37
CA GLU D 249 18.86 -24.23 3.46
C GLU D 249 17.88 -24.26 4.62
N PHE D 250 17.64 -23.12 5.24
CA PHE D 250 16.48 -22.99 6.11
C PHE D 250 15.41 -22.21 5.30
N VAL D 251 14.18 -22.67 5.34
CA VAL D 251 13.13 -21.99 4.61
C VAL D 251 12.04 -21.51 5.59
N HIS D 252 11.77 -20.21 5.55
CA HIS D 252 10.86 -19.63 6.52
C HIS D 252 9.62 -19.05 5.87
N THR D 253 8.51 -19.77 6.07
CA THR D 253 7.17 -19.44 5.52
C THR D 253 6.31 -18.85 6.64
N LEU D 254 5.65 -17.73 6.36
CA LEU D 254 4.87 -17.04 7.37
C LEU D 254 3.43 -16.88 6.90
N GLY D 255 2.49 -17.01 7.84
CA GLY D 255 1.09 -16.62 7.63
C GLY D 255 0.92 -15.13 7.88
N ASP D 256 0.30 -14.77 9.01
CA ASP D 256 0.21 -13.36 9.40
C ASP D 256 1.60 -12.86 9.82
N ALA D 257 2.26 -12.16 8.91
CA ALA D 257 3.50 -11.48 9.20
C ALA D 257 3.17 -10.06 9.65
N HIS D 258 3.57 -9.71 10.87
CA HIS D 258 3.13 -8.43 11.42
C HIS D 258 4.23 -7.64 12.14
N LEU D 259 4.19 -6.33 11.93
CA LEU D 259 4.97 -5.39 12.72
C LEU D 259 3.99 -4.70 13.64
N TYR D 260 4.20 -4.82 14.94
CA TYR D 260 3.41 -4.09 15.92
C TYR D 260 3.56 -2.57 15.72
N GLN D 261 2.48 -1.82 15.93
CA GLN D 261 2.53 -0.39 15.56
C GLN D 261 3.54 0.38 16.40
N ASN D 262 3.81 -0.12 17.60
CA ASN D 262 4.87 0.50 18.41
C ASN D 262 6.28 -0.08 18.18
N HIS D 263 6.47 -0.82 17.06
CA HIS D 263 7.79 -1.30 16.61
C HIS D 263 8.34 -0.57 15.37
N VAL D 264 7.56 0.36 14.86
CA VAL D 264 7.81 0.98 13.56
C VAL D 264 9.13 1.75 13.46
N GLU D 265 9.41 2.59 14.46
CA GLU D 265 10.64 3.38 14.48
C GLU D 265 11.84 2.47 14.62
N GLN D 266 11.64 1.40 15.40
CA GLN D 266 12.68 0.40 15.61
C GLN D 266 13.04 -0.26 14.29
N MET D 267 12.02 -0.68 13.53
CA MET D 267 12.24 -1.24 12.19
C MET D 267 12.88 -0.22 11.25
N GLN D 268 12.49 1.04 11.39
CA GLN D 268 13.02 2.07 10.51
C GLN D 268 14.49 2.32 10.75
N GLU D 269 14.86 2.44 12.03
CA GLU D 269 16.26 2.62 12.43
C GLU D 269 17.15 1.42 12.01
N GLN D 270 16.58 0.21 12.04
CA GLN D 270 17.32 -0.98 11.66
C GLN D 270 17.69 -0.96 10.19
N LEU D 271 16.74 -0.54 9.37
CA LEU D 271 16.89 -0.47 7.91
C LEU D 271 17.87 0.59 7.43
N SER D 272 18.30 1.47 8.34
CA SER D 272 19.28 2.50 8.04
C SER D 272 20.74 2.05 8.25
N ARG D 273 20.94 0.80 8.64
CA ARG D 273 22.28 0.34 9.04
C ARG D 273 22.83 -0.73 8.06
N GLU D 274 24.11 -0.62 7.72
CA GLU D 274 24.78 -1.58 6.80
C GLU D 274 24.87 -3.01 7.38
N VAL D 275 24.58 -4.03 6.57
CA VAL D 275 24.74 -5.42 7.04
C VAL D 275 26.22 -5.84 7.18
N ARG D 276 26.44 -6.81 8.05
CA ARG D 276 27.78 -7.30 8.32
C ARG D 276 27.76 -8.81 8.06
N SER D 277 28.94 -9.41 7.97
CA SER D 277 29.04 -10.86 7.89
C SER D 277 28.24 -11.55 9.00
N PHE D 278 27.51 -12.60 8.66
CA PHE D 278 26.90 -13.46 9.69
C PHE D 278 28.02 -14.11 10.52
N PRO D 279 27.75 -14.40 11.81
CA PRO D 279 28.76 -15.11 12.59
C PRO D 279 28.87 -16.57 12.19
N THR D 280 29.72 -17.31 12.89
CA THR D 280 29.85 -18.75 12.69
C THR D 280 29.43 -19.56 13.95
N LEU D 281 28.76 -20.69 13.74
CA LEU D 281 28.27 -21.53 14.86
C LEU D 281 29.29 -22.59 15.23
N VAL D 282 29.56 -22.77 16.52
CA VAL D 282 30.47 -23.82 16.99
C VAL D 282 29.81 -24.79 17.96
N LEU D 283 29.76 -26.05 17.53
CA LEU D 283 29.17 -27.13 18.29
C LEU D 283 30.21 -28.08 18.86
N ASN D 284 30.01 -28.50 20.10
CA ASN D 284 30.89 -29.49 20.74
C ASN D 284 30.92 -30.81 19.97
N PRO D 285 32.10 -31.19 19.43
CA PRO D 285 32.23 -32.45 18.68
C PRO D 285 31.97 -33.73 19.48
N ASP D 286 32.11 -33.68 20.80
CA ASP D 286 31.98 -34.86 21.66
C ASP D 286 30.54 -35.30 21.99
N LYS D 287 29.57 -34.45 21.65
CA LYS D 287 28.16 -34.79 21.89
C LYS D 287 27.52 -35.56 20.71
N ALA D 288 26.94 -36.71 21.01
CA ALA D 288 26.36 -37.58 19.98
C ALA D 288 24.93 -37.17 19.63
N SER D 289 24.06 -37.14 20.64
CA SER D 289 22.65 -36.88 20.41
C SER D 289 22.29 -35.39 20.51
N VAL D 290 21.26 -35.01 19.78
CA VAL D 290 20.69 -33.67 19.91
C VAL D 290 20.28 -33.36 21.37
N PHE D 291 19.80 -34.37 22.10
CA PHE D 291 19.34 -34.23 23.49
C PHE D 291 20.44 -34.22 24.57
N ASP D 292 21.70 -34.39 24.14
CA ASP D 292 22.87 -34.35 25.03
C ASP D 292 23.55 -32.97 25.13
N PHE D 293 23.15 -32.04 24.25
CA PHE D 293 23.74 -30.71 24.26
C PHE D 293 23.28 -29.92 25.47
N ASP D 294 24.23 -29.19 26.06
CA ASP D 294 23.95 -28.28 27.16
C ASP D 294 24.33 -26.86 26.74
N MET D 295 24.15 -25.88 27.62
CA MET D 295 24.51 -24.49 27.31
C MET D 295 25.94 -24.31 26.80
N GLU D 296 26.92 -24.93 27.47
CA GLU D 296 28.35 -24.70 27.13
C GLU D 296 28.81 -25.44 25.88
N ASP D 297 27.94 -26.28 25.32
CA ASP D 297 28.25 -27.01 24.10
C ASP D 297 27.95 -26.27 22.80
N ILE D 298 27.30 -25.11 22.90
CA ILE D 298 26.85 -24.35 21.73
C ILE D 298 27.36 -22.92 21.82
N LYS D 299 28.01 -22.46 20.76
CA LYS D 299 28.60 -21.13 20.72
C LYS D 299 28.50 -20.53 19.33
N VAL D 300 28.52 -19.21 19.30
CA VAL D 300 28.60 -18.45 18.09
C VAL D 300 29.86 -17.60 18.16
N GLU D 301 30.62 -17.60 17.08
CA GLU D 301 31.90 -16.91 17.02
C GLU D 301 31.94 -15.87 15.93
N GLY D 302 32.52 -14.72 16.23
CA GLY D 302 32.68 -13.68 15.22
C GLY D 302 31.43 -12.85 15.06
N TYR D 303 30.59 -12.82 16.08
CA TYR D 303 29.38 -12.01 16.08
C TYR D 303 29.66 -10.57 16.40
N ASP D 304 29.61 -9.72 15.38
CA ASP D 304 29.93 -8.30 15.57
C ASP D 304 28.83 -7.38 15.03
N PRO D 305 27.71 -7.25 15.76
CA PRO D 305 26.53 -6.55 15.27
C PRO D 305 26.44 -5.05 15.61
N HIS D 306 25.57 -4.32 14.91
CA HIS D 306 25.20 -2.98 15.31
C HIS D 306 24.57 -3.07 16.72
N PRO D 307 24.48 -1.92 17.43
CA PRO D 307 23.95 -1.96 18.83
C PRO D 307 22.49 -2.41 19.01
N THR D 308 22.09 -2.66 20.26
CA THR D 308 20.72 -3.03 20.61
C THR D 308 19.68 -1.97 20.25
N ILE D 309 18.58 -2.41 19.64
CA ILE D 309 17.35 -1.61 19.54
C ILE D 309 16.24 -2.21 20.42
N LYS D 310 15.96 -1.57 21.56
CA LYS D 310 14.91 -2.02 22.46
C LYS D 310 13.50 -1.78 21.89
N ALA D 311 12.55 -2.65 22.25
CA ALA D 311 11.17 -2.51 21.86
C ALA D 311 10.26 -3.26 22.85
N PRO D 312 9.05 -2.74 23.14
CA PRO D 312 8.24 -3.43 24.13
C PRO D 312 7.52 -4.67 23.55
N ILE D 313 7.47 -5.76 24.33
CA ILE D 313 6.76 -6.95 23.92
C ILE D 313 5.25 -6.73 24.00
N ALA D 314 4.53 -7.32 23.05
CA ALA D 314 3.07 -7.29 23.04
C ALA D 314 2.50 -8.48 23.84
N VAL D 315 2.05 -8.19 25.06
CA VAL D 315 1.55 -9.22 25.94
C VAL D 315 0.15 -9.60 25.50
S SO4 E . 9.79 19.99 -2.30
O1 SO4 E . 9.77 20.03 -0.83
O2 SO4 E . 8.52 19.34 -2.69
O3 SO4 E . 9.87 21.37 -2.83
O4 SO4 E . 10.95 19.23 -2.82
S SO4 F . -14.51 29.72 -19.44
O1 SO4 F . -15.87 29.94 -19.99
O2 SO4 F . -14.64 28.79 -18.29
O3 SO4 F . -13.93 31.01 -18.99
O4 SO4 F . -13.61 29.13 -20.45
N1 THF G . 9.04 22.30 4.50
C2 THF G . 8.50 21.10 4.72
NA2 THF G . 9.31 20.02 4.75
N3 THF G . 7.18 20.92 4.90
C4 THF G . 6.30 21.95 4.87
O4 THF G . 5.08 21.78 5.05
C4A THF G . 6.84 23.30 4.64
N5 THF G . 6.02 24.47 4.58
C6 THF G . 6.66 25.76 4.42
C7 THF G . 8.10 25.73 4.15
N8 THF G . 8.84 24.61 4.23
C8A THF G . 8.30 23.40 4.44
C9 THF G . 6.75 26.28 5.87
N10 THF G . 5.76 25.69 6.78
C11 THF G . 6.01 24.13 10.66
C12 THF G . 7.19 24.44 9.96
C13 THF G . 7.15 24.96 8.66
C14 THF G . 5.91 25.19 8.03
C15 THF G . 4.74 24.87 8.74
C16 THF G . 4.78 24.34 10.03
C THF G . 6.11 23.56 12.06
O THF G . 7.17 23.01 12.35
N THF G . 5.09 23.62 12.95
CA THF G . 5.21 23.02 14.30
CB THF G . 5.83 23.99 15.31
CG THF G . 4.89 25.02 15.96
CD THF G . 5.66 25.97 16.86
OE1 THF G . 5.26 26.17 18.04
OE2 THF G . 6.70 26.55 16.43
CT THF G . 3.97 22.33 14.87
O1 THF G . 2.85 22.48 14.34
O2 THF G . 4.11 21.61 15.88
CP1 THF G . 4.57 24.38 4.76
O3 THF G . 3.98 25.14 3.70
S SO4 H . 4.19 -39.68 0.06
O1 SO4 H . 3.98 -40.05 1.48
O2 SO4 H . 3.25 -40.41 -0.81
O3 SO4 H . 4.01 -38.22 -0.14
O4 SO4 H . 5.57 -40.02 -0.35
C1 EDO I . 5.76 -17.62 -7.23
O1 EDO I . 6.08 -18.69 -8.15
C2 EDO I . 4.78 -16.60 -7.86
O2 EDO I . 3.57 -16.43 -7.10
S SO4 J . -1.73 -14.88 18.69
O1 SO4 J . -1.41 -16.25 19.14
O2 SO4 J . -3.15 -14.49 18.95
O3 SO4 J . -1.46 -14.82 17.23
O4 SO4 J . -0.87 -13.93 19.43
O11 SS7 K . 5.29 -15.55 22.48
C8 SS7 K . 5.72 -14.74 21.59
C5 SS7 K . 5.24 -13.46 21.44
C4 SS7 K . 4.30 -12.71 22.10
C3 SS7 K . 4.09 -11.40 21.67
C2 SS7 K . 4.81 -10.86 20.60
C1 SS7 K . 5.77 -11.63 19.96
C6 SS7 K . 5.96 -12.91 20.40
C7 SS7 K . 6.84 -14.00 19.99
O10 SS7 K . 7.77 -13.79 18.88
N9 SS7 K . 6.68 -15.11 20.74
C12 SS7 K . 7.33 -16.43 20.71
C14 SS7 K . 7.92 -16.67 19.32
C13 SS7 K . 8.38 -16.59 21.83
O15 SS7 K . 8.46 -15.49 22.74
C16 SS7 K . 9.40 -14.48 22.59
C17 SS7 K . 10.64 -14.67 21.97
C22 SS7 K . 11.06 -16.02 21.40
C18 SS7 K . 11.52 -13.59 21.88
C21 SS7 K . 9.10 -13.22 23.09
C23 SS7 K . 7.79 -13.00 23.77
C20 SS7 K . 9.99 -12.14 23.00
C19 SS7 K . 11.20 -12.34 22.39
O24 SS7 K . 12.13 -11.33 22.23
C25 SS7 K . 12.36 -10.14 23.03
O27 SS7 K . 13.41 -9.54 22.76
C26 SS7 K . 11.39 -9.66 24.08
C1 EDO L . 4.87 3.36 8.27
O1 EDO L . 3.84 3.50 7.27
C2 EDO L . 4.31 2.58 9.44
O2 EDO L . 3.58 1.45 8.96
#